data_8BI6
#
_entry.id   8BI6
#
_cell.length_a   132.033
_cell.length_b   132.033
_cell.length_c   168.988
_cell.angle_alpha   90.00
_cell.angle_beta   90.00
_cell.angle_gamma   90.00
#
_symmetry.space_group_name_H-M   'P 43 21 2'
#
loop_
_entity.id
_entity.type
_entity.pdbx_description
1 polymer 'Choline kinase alpha'
2 non-polymer 'MAGNESIUM ION'
3 non-polymer 2-cyclohexyl-6-methoxy-N-[1-(1-methylethyl)piperidin-4-yl]-7-(3-pyrrolidin-1-ylpropoxy)quinazolin-4-amine
4 non-polymer 1,2-ETHANEDIOL
5 non-polymer DI(HYDROXYETHYL)ETHER
6 non-polymer 'ISOPROPYL ALCOHOL'
7 non-polymer 'PHOSPHATE ION'
8 non-polymer 'CHLORIDE ION'
9 water water
#
_entity_poly.entity_id   1
_entity_poly.type   'polypeptide(L)'
_entity_poly.pdbx_seq_one_letter_code
;MKTKFCTGGEAEPSPLGLLLSCGSGSAAPAPGVGQQRDAASDLESKQLGGQQPPLALPPPPPLPLPLPLPQPPPPQPPAD
EQPEPRTRRRAYLWCKEFLPGAWRGLREDEFHISVIRGGLSNMLFQCSLPDTTATLGDEPRKVLLRLYGAILQMRSCNKE
GSEQAQKENEFQGAEAMVLESVMFAILAERSLGPKLYGIFPQGRLEQFIPSRRLDTEELSLPDISAEIAEKMATFHGMKM
PFNKEPKWLFGTMEKYLKEVLRIKFTEESRIKKLHKLLSYNLPLELENLRSLLESTPSPVVFCHNDCQEGNILLLEGREN
SEKQKLMLIDFEYSSYNYRGFDIGNHFCEWMYDYSYEKYPFFRANIRKYPTKKQQLHFISSYLPAFQNDFENLSTEEKSI
IKEEMLLEVNRFALASHFLWGLWSIVQAKISSIEFGYMDYAQARFDAYFHQKRKLGV
;
_entity_poly.pdbx_strand_id   A,B
#
# COMPACT_ATOMS: atom_id res chain seq x y z
N ASP A 80 -20.62 -16.74 16.15
CA ASP A 80 -20.25 -15.56 17.00
C ASP A 80 -19.60 -16.01 18.30
N GLU A 81 -19.09 -17.25 18.32
CA GLU A 81 -18.05 -17.69 19.27
C GLU A 81 -17.03 -18.55 18.52
N GLN A 82 -17.51 -19.41 17.61
CA GLN A 82 -16.67 -20.07 16.61
C GLN A 82 -17.17 -19.67 15.22
N PRO A 83 -16.29 -19.69 14.19
CA PRO A 83 -16.71 -19.60 12.78
C PRO A 83 -16.92 -20.98 12.17
N GLU A 84 -17.47 -21.02 10.94
CA GLU A 84 -17.88 -22.26 10.28
C GLU A 84 -16.64 -23.12 9.99
N PRO A 85 -16.72 -24.18 9.14
CA PRO A 85 -15.57 -25.09 9.01
C PRO A 85 -14.46 -24.55 8.10
N ARG A 86 -14.84 -23.88 6.99
CA ARG A 86 -13.91 -23.35 6.00
C ARG A 86 -13.08 -22.20 6.56
N THR A 87 -13.75 -21.12 7.00
CA THR A 87 -13.08 -19.88 7.38
C THR A 87 -12.57 -19.97 8.81
N ARG A 88 -12.34 -21.20 9.28
CA ARG A 88 -11.52 -21.50 10.43
C ARG A 88 -10.14 -21.98 9.93
N ARG A 89 -10.19 -22.78 8.85
CA ARG A 89 -9.03 -23.40 8.25
C ARG A 89 -8.32 -22.40 7.31
N ARG A 90 -9.09 -21.57 6.56
CA ARG A 90 -8.51 -20.53 5.71
C ARG A 90 -7.73 -19.52 6.56
N ALA A 91 -8.26 -19.18 7.73
CA ALA A 91 -7.61 -18.26 8.65
C ALA A 91 -6.39 -18.89 9.30
N TYR A 92 -6.38 -20.23 9.37
CA TYR A 92 -5.25 -20.97 9.94
C TYR A 92 -4.06 -20.89 8.98
N LEU A 93 -4.30 -21.18 7.69
CA LEU A 93 -3.35 -21.05 6.59
C LEU A 93 -2.80 -19.61 6.52
N TRP A 94 -3.68 -18.63 6.32
CA TRP A 94 -3.33 -17.22 6.37
C TRP A 94 -2.42 -16.90 7.55
N CYS A 95 -2.82 -17.27 8.75
CA CYS A 95 -2.00 -16.91 9.90
C CYS A 95 -0.65 -17.62 9.82
N LYS A 96 -0.63 -18.84 9.27
CA LYS A 96 0.55 -19.70 9.31
C LYS A 96 1.57 -19.22 8.26
N GLU A 97 1.08 -18.89 7.08
CA GLU A 97 1.81 -18.39 5.92
C GLU A 97 2.26 -16.93 6.09
N PHE A 98 1.44 -16.04 6.68
CA PHE A 98 1.74 -14.60 6.69
C PHE A 98 2.39 -14.16 7.99
N LEU A 99 2.26 -14.92 9.08
CA LEU A 99 2.82 -14.47 10.34
C LEU A 99 4.11 -15.22 10.64
N PRO A 100 5.13 -14.54 11.21
CA PRO A 100 6.44 -15.15 11.49
C PRO A 100 6.56 -15.75 12.90
N GLY A 101 7.69 -16.42 13.17
CA GLY A 101 7.92 -17.01 14.48
C GLY A 101 7.07 -18.27 14.70
N ALA A 102 6.38 -18.32 15.85
CA ALA A 102 5.68 -19.52 16.29
C ALA A 102 4.46 -19.81 15.43
N TRP A 103 3.97 -18.82 14.67
CA TRP A 103 2.88 -19.04 13.73
C TRP A 103 3.29 -20.00 12.62
N ARG A 104 4.60 -20.03 12.30
CA ARG A 104 5.12 -20.70 11.11
C ARG A 104 5.06 -22.22 11.30
N GLY A 105 5.24 -22.67 12.55
CA GLY A 105 5.23 -24.09 12.87
C GLY A 105 4.07 -24.47 13.78
N LEU A 106 2.85 -24.05 13.41
CA LEU A 106 1.67 -24.25 14.25
C LEU A 106 0.81 -25.33 13.62
N ARG A 107 0.36 -26.29 14.45
CA ARG A 107 -0.53 -27.35 14.00
C ARG A 107 -1.98 -26.81 14.01
N GLU A 108 -2.81 -27.34 13.10
CA GLU A 108 -4.18 -26.87 12.90
C GLU A 108 -5.05 -26.94 14.16
N ASP A 109 -4.68 -27.79 15.12
CA ASP A 109 -5.47 -28.05 16.32
C ASP A 109 -4.97 -27.20 17.50
N GLU A 110 -4.10 -26.23 17.24
CA GLU A 110 -3.64 -25.27 18.24
C GLU A 110 -4.23 -23.88 17.96
N PHE A 111 -4.97 -23.74 16.85
CA PHE A 111 -5.40 -22.45 16.34
C PHE A 111 -6.67 -21.96 17.07
N HIS A 112 -6.53 -20.91 17.90
CA HIS A 112 -7.65 -20.27 18.58
C HIS A 112 -8.19 -19.09 17.75
N ILE A 113 -9.36 -19.29 17.14
CA ILE A 113 -10.07 -18.20 16.49
C ILE A 113 -11.46 -18.07 17.13
N SER A 114 -11.96 -16.81 17.20
CA SER A 114 -13.29 -16.49 17.70
C SER A 114 -13.79 -15.22 17.03
N VAL A 115 -15.03 -15.25 16.51
CA VAL A 115 -15.64 -14.10 15.85
C VAL A 115 -15.69 -12.89 16.81
N ILE A 116 -15.50 -11.69 16.24
CA ILE A 116 -15.71 -10.40 16.90
C ILE A 116 -16.91 -9.70 16.28
N ARG A 117 -17.09 -9.88 14.95
CA ARG A 117 -18.20 -9.33 14.19
C ARG A 117 -18.45 -10.22 12.98
N GLY A 118 -19.73 -10.38 12.59
CA GLY A 118 -20.12 -11.25 11.49
C GLY A 118 -20.73 -10.44 10.33
N GLY A 119 -21.32 -11.16 9.37
CA GLY A 119 -21.98 -10.54 8.23
C GLY A 119 -21.67 -11.30 6.94
N LEU A 120 -22.15 -10.73 5.82
CA LEU A 120 -21.75 -11.14 4.48
C LEU A 120 -20.71 -10.15 3.94
N SER A 121 -20.34 -9.14 4.75
CA SER A 121 -19.28 -8.18 4.42
C SER A 121 -18.56 -7.70 5.68
N ASN A 122 -17.21 -7.71 5.61
CA ASN A 122 -16.30 -7.14 6.59
C ASN A 122 -16.38 -7.90 7.92
N MET A 123 -16.14 -9.22 7.83
CA MET A 123 -16.13 -10.11 8.97
C MET A 123 -14.82 -9.93 9.74
N LEU A 124 -14.92 -9.74 11.06
CA LEU A 124 -13.78 -9.57 11.95
C LEU A 124 -13.66 -10.80 12.84
N PHE A 125 -12.45 -11.39 12.88
CA PHE A 125 -12.14 -12.49 13.76
C PHE A 125 -10.92 -12.11 14.61
N GLN A 126 -10.81 -12.70 15.79
CA GLN A 126 -9.56 -12.68 16.54
C GLN A 126 -8.88 -14.03 16.29
N CYS A 127 -7.57 -14.02 16.05
CA CYS A 127 -6.81 -15.25 15.86
C CYS A 127 -5.65 -15.24 16.87
N SER A 128 -5.36 -16.38 17.51
CA SER A 128 -4.34 -16.38 18.57
C SER A 128 -3.54 -17.70 18.66
N LEU A 129 -2.33 -17.54 19.19
CA LEU A 129 -1.52 -18.62 19.72
C LEU A 129 -2.18 -19.18 20.99
N PRO A 130 -2.06 -20.51 21.28
CA PRO A 130 -2.35 -21.02 22.61
C PRO A 130 -1.47 -20.32 23.64
N ASP A 131 -1.95 -20.24 24.89
CA ASP A 131 -1.28 -19.50 25.96
C ASP A 131 0.00 -20.24 26.36
N THR A 132 0.01 -21.57 26.15
CA THR A 132 1.15 -22.44 26.43
C THR A 132 2.36 -22.07 25.57
N THR A 133 2.14 -21.78 24.27
CA THR A 133 3.18 -21.47 23.29
C THR A 133 3.86 -20.14 23.60
N ALA A 134 5.21 -20.10 23.52
CA ALA A 134 5.95 -18.87 23.70
C ALA A 134 6.54 -18.42 22.36
N THR A 135 6.86 -17.13 22.30
CA THR A 135 7.18 -16.45 21.05
C THR A 135 8.70 -16.46 20.85
N LEU A 136 9.13 -16.58 19.59
CA LEU A 136 10.53 -16.65 19.23
C LEU A 136 11.15 -15.26 19.12
N GLY A 137 10.35 -14.24 18.73
CA GLY A 137 10.82 -12.88 18.57
C GLY A 137 9.73 -11.86 18.92
N ASP A 138 9.56 -10.85 18.05
CA ASP A 138 8.61 -9.77 18.31
C ASP A 138 7.31 -9.95 17.52
N GLU A 139 6.99 -11.20 17.14
CA GLU A 139 5.72 -11.52 16.51
C GLU A 139 4.60 -11.37 17.55
N PRO A 140 3.35 -11.03 17.13
CA PRO A 140 2.23 -10.85 18.08
C PRO A 140 1.62 -12.17 18.52
N ARG A 141 0.99 -12.17 19.71
CA ARG A 141 0.27 -13.33 20.23
C ARG A 141 -1.08 -13.49 19.56
N LYS A 142 -1.86 -12.39 19.47
CA LYS A 142 -3.15 -12.37 18.76
C LYS A 142 -3.12 -11.29 17.67
N VAL A 143 -3.87 -11.57 16.60
CA VAL A 143 -4.05 -10.67 15.49
C VAL A 143 -5.54 -10.56 15.22
N LEU A 144 -5.90 -9.69 14.28
CA LEU A 144 -7.27 -9.47 13.83
C LEU A 144 -7.36 -9.82 12.35
N LEU A 145 -8.32 -10.67 12.00
CA LEU A 145 -8.52 -11.03 10.61
C LEU A 145 -9.75 -10.29 10.06
N ARG A 146 -9.59 -9.68 8.90
CA ARG A 146 -10.64 -8.87 8.33
C ARG A 146 -10.91 -9.45 6.95
N LEU A 147 -12.06 -10.09 6.78
CA LEU A 147 -12.45 -10.57 5.45
C LEU A 147 -13.37 -9.53 4.81
N TYR A 148 -13.21 -9.35 3.49
CA TYR A 148 -13.97 -8.38 2.74
C TYR A 148 -15.34 -8.97 2.41
N GLY A 149 -15.40 -10.00 1.54
CA GLY A 149 -16.63 -10.76 1.28
C GLY A 149 -17.53 -10.16 0.19
N ALA A 150 -17.27 -10.52 -1.08
CA ALA A 150 -17.99 -10.03 -2.25
C ALA A 150 -19.15 -9.11 -1.84
N ALA A 174 -11.21 -3.58 -7.17
CA ALA A 174 -10.01 -3.21 -7.97
C ALA A 174 -9.37 -1.97 -7.36
N GLU A 175 -9.92 -0.77 -7.67
CA GLU A 175 -9.30 0.53 -7.44
C GLU A 175 -9.62 1.11 -6.07
N ALA A 176 -10.79 0.75 -5.52
CA ALA A 176 -11.13 1.07 -4.15
C ALA A 176 -10.19 0.33 -3.19
N MET A 177 -9.88 -0.93 -3.54
CA MET A 177 -9.13 -1.75 -2.60
CA MET A 177 -9.09 -1.87 -2.75
C MET A 177 -7.63 -1.42 -2.65
N VAL A 178 -7.09 -0.95 -3.80
CA VAL A 178 -5.73 -0.48 -3.86
C VAL A 178 -5.56 0.71 -2.91
N LEU A 179 -6.50 1.68 -2.95
CA LEU A 179 -6.32 2.93 -2.25
C LEU A 179 -6.40 2.71 -0.75
N GLU A 180 -7.40 1.96 -0.29
CA GLU A 180 -7.51 1.80 1.16
CA GLU A 180 -7.64 1.59 1.11
C GLU A 180 -6.39 0.91 1.69
N SER A 181 -5.88 -0.05 0.91
CA SER A 181 -4.73 -0.88 1.28
C SER A 181 -3.47 -0.03 1.43
N VAL A 182 -3.21 0.83 0.46
CA VAL A 182 -2.03 1.70 0.44
C VAL A 182 -2.12 2.63 1.64
N MET A 183 -3.31 3.18 1.81
CA MET A 183 -3.58 4.08 2.92
C MET A 183 -3.34 3.38 4.26
N PHE A 184 -3.88 2.17 4.41
CA PHE A 184 -3.74 1.40 5.65
C PHE A 184 -2.26 1.13 5.97
N ALA A 185 -1.53 0.70 4.91
CA ALA A 185 -0.10 0.43 5.00
C ALA A 185 0.65 1.69 5.41
N ILE A 186 0.29 2.85 4.84
CA ILE A 186 0.99 4.10 5.16
C ILE A 186 0.74 4.51 6.61
N LEU A 187 -0.53 4.52 7.05
CA LEU A 187 -0.83 4.87 8.44
C LEU A 187 -0.14 3.87 9.38
N ALA A 188 -0.05 2.59 8.97
CA ALA A 188 0.63 1.61 9.80
C ALA A 188 2.10 1.97 9.98
N GLU A 189 2.81 2.33 8.90
CA GLU A 189 4.22 2.72 8.97
C GLU A 189 4.43 3.99 9.81
N ARG A 190 3.47 4.93 9.78
CA ARG A 190 3.59 6.16 10.54
C ARG A 190 3.08 6.03 11.99
N SER A 191 2.70 4.81 12.41
CA SER A 191 2.22 4.57 13.77
C SER A 191 0.94 5.35 14.11
N LEU A 192 0.06 5.52 13.13
CA LEU A 192 -1.16 6.31 13.28
C LEU A 192 -2.35 5.39 13.02
N GLY A 193 -2.01 4.13 12.80
CA GLY A 193 -2.96 3.06 12.66
C GLY A 193 -2.37 1.76 13.20
N PRO A 194 -3.25 0.73 13.30
CA PRO A 194 -2.78 -0.61 13.61
C PRO A 194 -1.82 -1.13 12.52
N LYS A 195 -0.81 -1.91 12.93
CA LYS A 195 0.15 -2.59 12.05
C LYS A 195 -0.57 -3.48 11.04
N LEU A 196 0.02 -3.66 9.86
CA LEU A 196 -0.47 -4.54 8.81
C LEU A 196 0.50 -5.74 8.70
N TYR A 197 0.04 -6.93 9.11
CA TYR A 197 0.84 -8.15 9.15
C TYR A 197 0.67 -8.98 7.88
N GLY A 198 -0.49 -8.85 7.21
CA GLY A 198 -0.66 -9.61 5.98
C GLY A 198 -1.70 -8.98 5.07
N ILE A 199 -1.48 -9.08 3.76
CA ILE A 199 -2.47 -8.65 2.79
C ILE A 199 -2.58 -9.67 1.64
N PHE A 200 -3.85 -10.03 1.35
CA PHE A 200 -4.27 -11.07 0.42
C PHE A 200 -5.61 -10.66 -0.20
N PRO A 201 -6.07 -11.28 -1.32
CA PRO A 201 -7.29 -10.84 -2.01
C PRO A 201 -8.60 -10.84 -1.18
N GLN A 202 -8.74 -11.83 -0.28
CA GLN A 202 -9.94 -12.02 0.52
C GLN A 202 -9.94 -11.16 1.79
N GLY A 203 -8.82 -10.56 2.18
CA GLY A 203 -8.74 -9.92 3.48
C GLY A 203 -7.36 -9.42 3.88
N ARG A 204 -7.19 -9.22 5.19
CA ARG A 204 -5.92 -8.76 5.70
C ARG A 204 -5.82 -9.11 7.17
N LEU A 205 -4.56 -9.21 7.61
CA LEU A 205 -4.24 -9.47 8.99
C LEU A 205 -3.72 -8.16 9.58
N GLU A 206 -4.30 -7.75 10.72
CA GLU A 206 -3.98 -6.48 11.34
C GLU A 206 -3.56 -6.72 12.78
N GLN A 207 -2.89 -5.72 13.35
CA GLN A 207 -2.66 -5.69 14.76
C GLN A 207 -4.01 -5.69 15.49
N PHE A 208 -4.10 -6.52 16.52
CA PHE A 208 -5.19 -6.49 17.48
C PHE A 208 -4.87 -5.45 18.54
N ILE A 209 -5.76 -4.45 18.69
CA ILE A 209 -5.62 -3.37 19.67
C ILE A 209 -6.60 -3.64 20.79
N PRO A 210 -6.12 -3.93 22.02
CA PRO A 210 -7.03 -4.13 23.16
C PRO A 210 -7.59 -2.76 23.55
N SER A 211 -8.93 -2.69 23.59
CA SER A 211 -9.66 -1.42 23.58
C SER A 211 -11.14 -1.75 23.62
N ARG A 212 -11.99 -0.74 23.83
CA ARG A 212 -13.37 -0.82 23.35
C ARG A 212 -13.68 0.45 22.51
N ARG A 213 -14.88 0.46 21.92
CA ARG A 213 -15.39 1.66 21.24
C ARG A 213 -16.01 2.61 22.26
N LEU A 214 -15.93 3.91 21.97
CA LEU A 214 -16.72 4.87 22.69
C LEU A 214 -18.21 4.59 22.40
N ASP A 215 -19.04 4.97 23.38
CA ASP A 215 -20.47 5.18 23.19
C ASP A 215 -20.71 6.65 22.85
N THR A 216 -21.87 6.91 22.24
CA THR A 216 -22.26 8.25 21.80
C THR A 216 -22.13 9.30 22.90
N GLU A 217 -22.61 8.96 24.09
CA GLU A 217 -22.72 9.93 25.17
C GLU A 217 -21.33 10.26 25.71
N GLU A 218 -20.30 9.42 25.40
CA GLU A 218 -18.93 9.79 25.77
C GLU A 218 -18.32 10.91 24.92
N LEU A 219 -18.89 11.21 23.71
CA LEU A 219 -18.30 12.23 22.83
C LEU A 219 -18.26 13.61 23.49
N SER A 220 -19.17 13.88 24.45
CA SER A 220 -19.30 15.21 25.05
C SER A 220 -18.36 15.44 26.23
N LEU A 221 -17.81 14.36 26.79
CA LEU A 221 -16.92 14.46 27.94
C LEU A 221 -15.76 15.35 27.49
N PRO A 222 -15.46 16.43 28.25
CA PRO A 222 -14.47 17.40 27.80
C PRO A 222 -13.09 16.87 27.41
N ASP A 223 -12.61 15.89 28.16
CA ASP A 223 -11.32 15.29 27.92
C ASP A 223 -11.41 14.41 26.66
N ILE A 224 -12.53 13.72 26.44
CA ILE A 224 -12.70 12.94 25.22
C ILE A 224 -12.72 13.90 24.02
N SER A 225 -13.47 15.00 24.14
CA SER A 225 -13.71 15.86 23.02
C SER A 225 -12.40 16.53 22.61
N ALA A 226 -11.64 17.01 23.61
CA ALA A 226 -10.34 17.65 23.41
C ALA A 226 -9.38 16.77 22.60
N GLU A 227 -9.34 15.49 22.96
CA GLU A 227 -8.41 14.57 22.33
C GLU A 227 -8.89 14.19 20.93
N ILE A 228 -10.21 13.99 20.72
CA ILE A 228 -10.74 13.76 19.38
C ILE A 228 -10.30 14.90 18.48
N ALA A 229 -10.42 16.14 18.97
CA ALA A 229 -10.00 17.32 18.23
C ALA A 229 -8.51 17.27 17.87
N GLU A 230 -7.68 16.85 18.84
CA GLU A 230 -6.22 16.74 18.65
C GLU A 230 -5.89 15.68 17.61
N LYS A 231 -6.51 14.51 17.73
CA LYS A 231 -6.27 13.44 16.77
C LYS A 231 -6.74 13.87 15.38
N MET A 232 -7.89 14.56 15.30
CA MET A 232 -8.45 14.89 14.00
C MET A 232 -7.53 15.91 13.34
N ALA A 233 -7.01 16.88 14.14
CA ALA A 233 -6.08 17.89 13.65
C ALA A 233 -4.77 17.26 13.12
N THR A 234 -4.33 16.16 13.72
CA THR A 234 -3.13 15.45 13.29
C THR A 234 -3.37 14.72 11.96
N PHE A 235 -4.49 13.96 11.86
CA PHE A 235 -5.00 13.31 10.66
CA PHE A 235 -4.83 13.28 10.62
C PHE A 235 -5.00 14.35 9.53
N HIS A 236 -5.47 15.56 9.84
CA HIS A 236 -5.65 16.62 8.85
C HIS A 236 -4.32 17.16 8.30
N GLY A 237 -3.23 17.03 9.07
CA GLY A 237 -1.92 17.46 8.59
C GLY A 237 -1.21 16.44 7.68
N MET A 238 -1.64 15.19 7.66
CA MET A 238 -0.97 14.14 6.90
C MET A 238 -1.02 14.39 5.40
N LYS A 239 0.11 14.05 4.77
CA LYS A 239 0.28 14.06 3.34
C LYS A 239 0.04 12.65 2.88
N MET A 240 -0.91 12.48 1.95
CA MET A 240 -1.28 11.19 1.41
C MET A 240 -1.28 11.26 -0.11
N PRO A 241 -0.98 10.13 -0.79
CA PRO A 241 -0.82 10.12 -2.23
C PRO A 241 -2.14 10.07 -3.03
N PHE A 242 -3.11 10.89 -2.59
CA PHE A 242 -4.44 10.88 -3.19
C PHE A 242 -4.73 12.26 -3.77
N ASN A 243 -5.76 12.28 -4.58
CA ASN A 243 -6.20 13.47 -5.30
C ASN A 243 -6.49 14.59 -4.32
N LYS A 244 -5.85 15.76 -4.50
CA LYS A 244 -5.94 16.85 -3.54
C LYS A 244 -7.12 17.78 -3.86
N GLU A 245 -7.80 17.57 -5.01
CA GLU A 245 -9.00 18.32 -5.32
C GLU A 245 -10.13 17.83 -4.43
N PRO A 246 -10.87 18.75 -3.74
CA PRO A 246 -11.99 18.37 -2.88
C PRO A 246 -13.28 18.06 -3.63
N LYS A 247 -13.24 17.01 -4.45
CA LYS A 247 -14.35 16.63 -5.29
C LYS A 247 -15.19 15.55 -4.61
N TRP A 248 -14.69 15.00 -3.47
CA TRP A 248 -15.34 13.89 -2.78
C TRP A 248 -16.75 14.29 -2.28
N LEU A 249 -16.88 15.48 -1.69
CA LEU A 249 -18.13 15.77 -0.99
C LEU A 249 -19.31 15.85 -1.97
N PHE A 250 -19.28 16.76 -2.96
CA PHE A 250 -20.39 16.88 -3.90
C PHE A 250 -20.41 15.74 -4.91
N GLY A 251 -19.25 15.14 -5.20
CA GLY A 251 -19.18 13.98 -6.09
C GLY A 251 -19.88 12.76 -5.53
N THR A 252 -19.68 12.54 -4.22
CA THR A 252 -20.41 11.50 -3.51
C THR A 252 -21.91 11.84 -3.37
N MET A 253 -22.25 13.07 -3.00
CA MET A 253 -23.66 13.40 -2.91
C MET A 253 -24.35 13.23 -4.27
N GLU A 254 -23.69 13.69 -5.35
CA GLU A 254 -24.29 13.58 -6.69
C GLU A 254 -24.49 12.12 -7.08
N LYS A 255 -23.53 11.29 -6.70
CA LYS A 255 -23.56 9.88 -7.06
C LYS A 255 -24.72 9.19 -6.34
N TYR A 256 -24.85 9.40 -5.02
CA TYR A 256 -25.95 8.81 -4.28
C TYR A 256 -27.29 9.35 -4.78
N LEU A 257 -27.40 10.64 -5.09
CA LEU A 257 -28.66 11.20 -5.55
C LEU A 257 -29.11 10.55 -6.86
N LYS A 258 -28.16 10.25 -7.74
CA LYS A 258 -28.46 9.64 -9.02
C LYS A 258 -29.05 8.26 -8.78
N GLU A 259 -28.48 7.47 -7.86
CA GLU A 259 -29.04 6.18 -7.47
C GLU A 259 -30.41 6.34 -6.80
N VAL A 260 -30.61 7.40 -5.99
CA VAL A 260 -31.84 7.57 -5.23
C VAL A 260 -33.02 7.76 -6.19
N LEU A 261 -32.79 8.55 -7.25
CA LEU A 261 -33.80 8.86 -8.25
C LEU A 261 -34.11 7.66 -9.15
N ARG A 262 -33.32 6.59 -9.09
CA ARG A 262 -33.62 5.40 -9.88
C ARG A 262 -34.31 4.34 -9.02
N ILE A 263 -34.35 4.47 -7.68
CA ILE A 263 -34.93 3.46 -6.80
C ILE A 263 -36.46 3.38 -6.98
N LYS A 264 -36.98 2.15 -7.17
CA LYS A 264 -38.41 1.87 -7.10
C LYS A 264 -38.56 0.81 -6.02
N PHE A 265 -39.34 1.12 -4.98
CA PHE A 265 -39.64 0.10 -3.99
C PHE A 265 -40.96 -0.54 -4.38
N THR A 266 -41.23 -1.73 -3.79
CA THR A 266 -42.48 -2.45 -3.98
C THR A 266 -43.31 -2.46 -2.69
N GLU A 267 -42.65 -2.57 -1.53
CA GLU A 267 -43.29 -2.54 -0.23
C GLU A 267 -43.85 -1.12 0.02
N GLU A 268 -45.16 -1.03 0.30
CA GLU A 268 -45.94 0.20 0.40
C GLU A 268 -45.38 1.24 1.39
N SER A 269 -44.89 0.78 2.56
CA SER A 269 -44.32 1.62 3.59
C SER A 269 -43.03 2.33 3.13
N ARG A 270 -42.18 1.64 2.34
CA ARG A 270 -40.96 2.22 1.80
C ARG A 270 -41.25 3.20 0.67
N ILE A 271 -42.28 2.90 -0.12
CA ILE A 271 -42.75 3.77 -1.19
C ILE A 271 -43.17 5.11 -0.60
N LYS A 272 -43.96 5.08 0.49
CA LYS A 272 -44.54 6.28 1.05
C LYS A 272 -43.43 7.16 1.65
N LYS A 273 -42.47 6.51 2.31
CA LYS A 273 -41.32 7.16 2.91
C LYS A 273 -40.41 7.79 1.86
N LEU A 274 -40.16 7.06 0.75
CA LEU A 274 -39.36 7.60 -0.33
C LEU A 274 -40.09 8.78 -0.92
N HIS A 275 -41.41 8.65 -1.09
CA HIS A 275 -42.18 9.71 -1.75
C HIS A 275 -42.07 11.01 -0.95
N LYS A 276 -42.01 10.89 0.39
CA LYS A 276 -41.91 12.08 1.23
C LYS A 276 -40.54 12.74 1.07
N LEU A 277 -39.45 11.95 1.08
CA LEU A 277 -38.10 12.47 0.92
C LEU A 277 -37.96 13.19 -0.43
N LEU A 278 -38.56 12.62 -1.49
CA LEU A 278 -38.46 13.19 -2.84
C LEU A 278 -39.27 14.47 -2.95
N SER A 279 -40.28 14.67 -2.08
CA SER A 279 -41.14 15.85 -2.15
C SER A 279 -40.36 17.11 -1.81
N TYR A 280 -39.19 16.93 -1.22
CA TYR A 280 -38.34 18.06 -0.87
C TYR A 280 -37.62 18.66 -2.08
N ASN A 281 -37.59 17.95 -3.24
CA ASN A 281 -36.79 18.34 -4.39
C ASN A 281 -35.31 18.31 -3.98
N LEU A 282 -34.79 17.09 -3.88
CA LEU A 282 -33.43 16.86 -3.44
C LEU A 282 -32.41 17.45 -4.43
N PRO A 283 -32.63 17.34 -5.76
CA PRO A 283 -31.76 17.99 -6.76
C PRO A 283 -31.61 19.48 -6.54
N LEU A 284 -32.73 20.15 -6.29
CA LEU A 284 -32.66 21.57 -6.04
C LEU A 284 -32.02 21.89 -4.69
N GLU A 285 -32.40 21.15 -3.65
CA GLU A 285 -31.83 21.35 -2.33
C GLU A 285 -30.31 21.15 -2.37
N LEU A 286 -29.83 20.15 -3.14
CA LEU A 286 -28.39 19.99 -3.31
C LEU A 286 -27.71 21.24 -3.89
N GLU A 287 -28.35 21.92 -4.84
CA GLU A 287 -27.81 23.14 -5.42
C GLU A 287 -27.85 24.32 -4.44
N ASN A 288 -28.87 24.42 -3.57
CA ASN A 288 -28.82 25.42 -2.50
C ASN A 288 -27.62 25.19 -1.54
N LEU A 289 -27.35 23.93 -1.18
CA LEU A 289 -26.23 23.56 -0.35
C LEU A 289 -24.91 23.86 -1.08
N ARG A 290 -24.87 23.64 -2.39
CA ARG A 290 -23.70 24.02 -3.19
C ARG A 290 -23.40 25.52 -3.08
N SER A 291 -24.41 26.38 -3.22
CA SER A 291 -24.22 27.83 -3.10
C SER A 291 -23.69 28.25 -1.72
N LEU A 292 -24.32 27.73 -0.68
CA LEU A 292 -23.95 28.03 0.69
C LEU A 292 -22.48 27.64 0.89
N LEU A 293 -22.11 26.43 0.49
CA LEU A 293 -20.81 25.91 0.87
C LEU A 293 -19.72 26.51 0.00
N GLU A 294 -20.03 26.89 -1.25
CA GLU A 294 -19.03 27.54 -2.10
C GLU A 294 -18.72 28.95 -1.61
N SER A 295 -19.61 29.55 -0.81
CA SER A 295 -19.35 30.85 -0.20
C SER A 295 -18.80 30.73 1.23
N THR A 296 -18.60 29.50 1.71
CA THR A 296 -18.00 29.24 3.02
C THR A 296 -16.58 28.66 2.84
N PRO A 297 -15.52 29.50 2.99
CA PRO A 297 -14.12 29.01 2.94
C PRO A 297 -13.81 28.00 4.06
N SER A 298 -13.15 26.93 3.65
CA SER A 298 -12.82 25.81 4.51
C SER A 298 -11.61 25.12 3.91
N PRO A 299 -10.46 25.06 4.61
CA PRO A 299 -9.26 24.45 4.06
C PRO A 299 -9.47 22.99 3.67
N VAL A 300 -8.81 22.60 2.58
CA VAL A 300 -8.81 21.24 2.09
C VAL A 300 -7.72 20.49 2.82
N VAL A 301 -8.07 19.34 3.43
CA VAL A 301 -7.18 18.57 4.29
C VAL A 301 -7.58 17.12 4.10
N PHE A 302 -6.71 16.21 4.55
CA PHE A 302 -6.98 14.78 4.53
C PHE A 302 -7.95 14.47 5.67
N CYS A 303 -9.18 14.07 5.30
CA CYS A 303 -10.31 13.99 6.22
C CYS A 303 -10.63 12.51 6.44
N HIS A 304 -11.00 12.13 7.68
CA HIS A 304 -11.50 10.80 7.99
C HIS A 304 -12.88 10.53 7.32
N ASN A 305 -13.79 11.53 7.45
CA ASN A 305 -15.12 11.58 6.83
C ASN A 305 -16.20 10.79 7.58
N ASP A 306 -15.83 10.11 8.69
CA ASP A 306 -16.77 9.26 9.41
C ASP A 306 -16.35 9.18 10.86
N CYS A 307 -15.93 10.29 11.45
CA CYS A 307 -15.39 10.27 12.80
C CYS A 307 -16.52 10.31 13.84
N GLN A 308 -16.97 9.12 14.23
CA GLN A 308 -17.96 8.91 15.28
C GLN A 308 -17.47 7.81 16.24
N GLU A 309 -18.30 7.48 17.24
CA GLU A 309 -17.89 6.79 18.44
C GLU A 309 -17.45 5.36 18.11
N GLY A 310 -18.14 4.71 17.18
CA GLY A 310 -17.81 3.40 16.62
C GLY A 310 -16.45 3.26 15.90
N ASN A 311 -15.82 4.40 15.55
CA ASN A 311 -14.51 4.45 14.88
C ASN A 311 -13.49 5.12 15.82
N ILE A 312 -13.82 5.23 17.11
CA ILE A 312 -12.87 5.74 18.09
C ILE A 312 -12.67 4.67 19.18
N LEU A 313 -11.41 4.29 19.41
CA LEU A 313 -11.04 3.24 20.36
C LEU A 313 -10.63 3.90 21.68
N LEU A 314 -11.20 3.40 22.81
CA LEU A 314 -10.64 3.66 24.14
C LEU A 314 -9.64 2.54 24.47
N LEU A 315 -8.35 2.90 24.51
CA LEU A 315 -7.25 1.92 24.57
C LEU A 315 -7.12 1.35 25.99
N GLU A 316 -7.20 0.01 26.11
CA GLU A 316 -7.21 -0.69 27.39
C GLU A 316 -5.97 -0.31 28.21
N GLY A 317 -6.23 0.05 29.48
CA GLY A 317 -5.20 0.45 30.43
C GLY A 317 -4.54 1.79 30.14
N ARG A 318 -5.25 2.72 29.47
CA ARG A 318 -4.79 4.10 29.32
C ARG A 318 -5.83 5.07 29.87
N GLU A 319 -6.90 4.55 30.50
CA GLU A 319 -8.12 5.31 30.82
C GLU A 319 -7.87 6.48 31.80
N ASN A 320 -6.67 6.55 32.40
CA ASN A 320 -6.29 7.61 33.34
C ASN A 320 -5.41 8.67 32.67
N SER A 321 -4.83 8.35 31.50
CA SER A 321 -4.25 9.37 30.63
C SER A 321 -5.31 10.44 30.31
N GLU A 322 -4.98 11.72 30.51
CA GLU A 322 -5.92 12.80 30.21
C GLU A 322 -6.08 12.91 28.69
N LYS A 323 -4.95 12.80 27.94
CA LYS A 323 -4.85 13.28 26.56
C LYS A 323 -4.45 12.21 25.54
N GLN A 324 -4.37 10.93 25.95
CA GLN A 324 -3.66 9.96 25.11
C GLN A 324 -4.25 8.57 25.29
N LYS A 325 -5.59 8.49 25.35
CA LYS A 325 -6.28 7.21 25.52
C LYS A 325 -7.07 6.76 24.29
N LEU A 326 -7.02 7.51 23.18
CA LEU A 326 -7.91 7.21 22.05
C LEU A 326 -7.09 6.90 20.81
N MET A 327 -7.73 6.22 19.88
CA MET A 327 -7.20 6.03 18.56
C MET A 327 -8.35 6.04 17.54
N LEU A 328 -8.17 6.76 16.41
CA LEU A 328 -9.14 6.82 15.33
C LEU A 328 -8.87 5.67 14.39
N ILE A 329 -9.93 4.98 13.96
CA ILE A 329 -9.79 3.87 13.06
C ILE A 329 -10.85 3.98 11.96
N ASP A 330 -10.80 3.05 10.98
CA ASP A 330 -11.79 2.83 9.94
C ASP A 330 -11.86 4.03 8.98
N PHE A 331 -10.94 4.00 8.02
CA PHE A 331 -10.60 5.11 7.16
CA PHE A 331 -10.64 5.15 7.17
C PHE A 331 -11.16 4.88 5.75
N GLU A 332 -12.14 3.99 5.63
CA GLU A 332 -12.86 3.67 4.40
C GLU A 332 -13.32 4.88 3.57
N TYR A 333 -13.79 5.99 4.19
CA TYR A 333 -14.42 7.09 3.47
C TYR A 333 -13.46 8.27 3.35
N SER A 334 -12.26 8.08 3.87
CA SER A 334 -11.25 9.13 3.95
C SER A 334 -10.86 9.66 2.58
N SER A 335 -10.58 10.95 2.54
CA SER A 335 -10.26 11.62 1.30
C SER A 335 -9.86 13.03 1.66
N TYR A 336 -9.28 13.72 0.67
CA TYR A 336 -9.06 15.16 0.75
C TYR A 336 -10.43 15.82 0.64
N ASN A 337 -10.76 16.71 1.57
CA ASN A 337 -12.12 17.20 1.69
C ASN A 337 -12.01 18.48 2.48
N TYR A 338 -13.11 19.24 2.54
CA TYR A 338 -13.20 20.42 3.37
C TYR A 338 -13.12 20.05 4.85
N ARG A 339 -12.25 20.76 5.57
CA ARG A 339 -12.07 20.47 6.98
C ARG A 339 -13.41 20.62 7.73
N GLY A 340 -14.20 21.61 7.31
CA GLY A 340 -15.50 21.86 7.90
C GLY A 340 -16.38 20.62 7.92
N PHE A 341 -16.30 19.79 6.89
CA PHE A 341 -17.10 18.57 6.89
C PHE A 341 -16.67 17.57 7.95
N ASP A 342 -15.34 17.39 8.19
CA ASP A 342 -14.92 16.37 9.15
C ASP A 342 -15.37 16.80 10.55
N ILE A 343 -15.21 18.08 10.89
CA ILE A 343 -15.65 18.58 12.19
C ILE A 343 -17.18 18.60 12.30
N GLY A 344 -17.88 19.19 11.31
CA GLY A 344 -19.35 19.23 11.32
C GLY A 344 -20.00 17.85 11.35
N ASN A 345 -19.42 16.88 10.62
CA ASN A 345 -19.94 15.52 10.66
C ASN A 345 -19.78 14.96 12.07
N HIS A 346 -18.63 15.25 12.70
CA HIS A 346 -18.39 14.80 14.06
C HIS A 346 -19.43 15.42 15.01
N PHE A 347 -19.72 16.74 14.91
CA PHE A 347 -20.73 17.36 15.77
C PHE A 347 -22.09 16.73 15.55
N CYS A 348 -22.40 16.42 14.29
CA CYS A 348 -23.65 15.71 13.99
C CYS A 348 -23.74 14.39 14.74
N GLU A 349 -22.60 13.69 14.88
CA GLU A 349 -22.61 12.33 15.40
C GLU A 349 -22.87 12.31 16.93
N TRP A 350 -22.76 13.46 17.60
CA TRP A 350 -23.27 13.57 18.95
C TRP A 350 -24.75 13.20 19.07
N MET A 351 -25.52 13.35 17.98
CA MET A 351 -26.98 13.24 18.03
C MET A 351 -27.45 11.83 17.77
N TYR A 352 -26.57 10.93 17.28
CA TYR A 352 -26.99 9.64 16.74
C TYR A 352 -26.30 8.49 17.50
N ASP A 353 -27.09 7.47 17.86
CA ASP A 353 -26.66 6.31 18.61
C ASP A 353 -27.11 5.09 17.82
N TYR A 354 -26.12 4.28 17.39
CA TYR A 354 -26.34 3.19 16.48
C TYR A 354 -26.42 1.85 17.23
N SER A 355 -26.42 1.91 18.57
CA SER A 355 -26.45 0.72 19.43
C SER A 355 -27.86 0.38 19.93
N TYR A 356 -28.90 1.06 19.50
CA TYR A 356 -30.24 0.80 19.99
C TYR A 356 -30.63 -0.61 19.57
N GLU A 357 -31.30 -1.37 20.45
CA GLU A 357 -31.48 -2.81 20.22
C GLU A 357 -32.81 -3.11 19.55
N LYS A 358 -33.71 -2.15 19.42
CA LYS A 358 -34.97 -2.38 18.71
C LYS A 358 -35.06 -1.50 17.47
N TYR A 359 -35.94 -1.89 16.55
CA TYR A 359 -36.25 -1.13 15.36
C TYR A 359 -36.50 0.32 15.78
N PRO A 360 -35.97 1.34 15.05
CA PRO A 360 -35.17 1.15 13.84
C PRO A 360 -33.65 0.98 13.96
N PHE A 361 -33.20 0.63 15.17
CA PHE A 361 -31.83 0.25 15.49
C PHE A 361 -30.92 1.46 15.62
N PHE A 362 -31.51 2.64 15.76
CA PHE A 362 -30.76 3.84 16.12
C PHE A 362 -31.67 4.74 16.97
N ARG A 363 -31.05 5.66 17.70
CA ARG A 363 -31.72 6.76 18.33
C ARG A 363 -31.13 8.05 17.79
N ALA A 364 -32.00 9.04 17.59
CA ALA A 364 -31.64 10.37 17.11
C ALA A 364 -32.13 11.41 18.11
N ASN A 365 -31.26 12.34 18.54
CA ASN A 365 -31.68 13.37 19.45
C ASN A 365 -31.06 14.72 19.07
N ILE A 366 -31.89 15.61 18.52
CA ILE A 366 -31.47 16.94 18.08
C ILE A 366 -30.89 17.74 19.23
N ARG A 367 -31.36 17.47 20.46
CA ARG A 367 -30.95 18.31 21.59
C ARG A 367 -29.53 17.99 22.06
N LYS A 368 -28.95 16.86 21.60
CA LYS A 368 -27.60 16.46 21.93
C LYS A 368 -26.52 17.07 21.04
N TYR A 369 -26.90 17.82 20.00
CA TYR A 369 -25.92 18.54 19.20
C TYR A 369 -25.08 19.36 20.14
N PRO A 370 -23.76 19.57 19.94
CA PRO A 370 -22.97 20.38 20.88
C PRO A 370 -23.42 21.84 20.92
N THR A 371 -23.41 22.40 22.14
CA THR A 371 -23.71 23.82 22.39
C THR A 371 -22.53 24.66 21.88
N LYS A 372 -22.72 25.97 21.71
CA LYS A 372 -21.61 26.84 21.37
C LYS A 372 -20.41 26.60 22.28
N LYS A 373 -20.66 26.43 23.58
CA LYS A 373 -19.60 26.21 24.54
C LYS A 373 -18.82 24.92 24.22
N GLN A 374 -19.52 23.77 24.09
CA GLN A 374 -18.93 22.49 23.71
C GLN A 374 -18.18 22.53 22.37
N GLN A 375 -18.70 23.32 21.41
CA GLN A 375 -18.09 23.50 20.10
C GLN A 375 -16.79 24.27 20.26
N LEU A 376 -16.82 25.36 21.02
CA LEU A 376 -15.65 26.18 21.27
C LEU A 376 -14.56 25.39 21.99
N HIS A 377 -14.95 24.49 22.88
CA HIS A 377 -13.99 23.67 23.61
C HIS A 377 -13.29 22.73 22.61
N PHE A 378 -14.03 22.15 21.65
CA PHE A 378 -13.46 21.25 20.64
C PHE A 378 -12.49 21.99 19.72
N ILE A 379 -12.88 23.18 19.24
CA ILE A 379 -12.03 23.85 18.29
C ILE A 379 -10.86 24.57 18.98
N SER A 380 -11.00 24.87 20.28
CA SER A 380 -9.89 25.38 21.11
C SER A 380 -8.77 24.33 21.28
N SER A 381 -9.11 23.05 21.25
CA SER A 381 -8.13 21.97 21.21
C SER A 381 -7.66 21.70 19.77
N TYR A 382 -8.54 21.85 18.76
CA TYR A 382 -8.21 21.53 17.38
C TYR A 382 -7.18 22.51 16.83
N LEU A 383 -7.39 23.82 17.03
CA LEU A 383 -6.59 24.81 16.34
C LEU A 383 -5.10 24.81 16.74
N PRO A 384 -4.75 24.83 18.04
CA PRO A 384 -3.34 24.77 18.45
C PRO A 384 -2.67 23.45 18.07
N ALA A 385 -3.45 22.35 18.04
CA ALA A 385 -2.96 21.08 17.50
C ALA A 385 -2.68 21.11 15.99
N PHE A 386 -3.34 22.00 15.21
CA PHE A 386 -3.18 22.01 13.75
C PHE A 386 -2.10 23.01 13.32
N GLN A 387 -2.05 24.17 13.99
CA GLN A 387 -0.93 25.10 13.88
C GLN A 387 -0.51 25.47 15.31
N ASN A 388 0.67 25.01 15.73
CA ASN A 388 1.11 25.13 17.14
C ASN A 388 1.56 26.55 17.52
N ASP A 389 1.51 27.54 16.62
CA ASP A 389 1.76 28.93 16.99
C ASP A 389 0.46 29.68 17.31
N PHE A 390 -0.68 28.98 17.31
CA PHE A 390 -1.99 29.60 17.45
C PHE A 390 -2.09 30.38 18.76
N GLU A 391 -1.60 29.80 19.87
CA GLU A 391 -1.78 30.44 21.18
CA GLU A 391 -1.60 30.35 21.22
C GLU A 391 -1.03 31.77 21.25
N ASN A 392 -0.10 32.07 20.33
CA ASN A 392 0.61 33.35 20.35
C ASN A 392 -0.08 34.47 19.56
N LEU A 393 -1.12 34.14 18.80
CA LEU A 393 -1.99 35.17 18.24
C LEU A 393 -2.59 35.98 19.39
N SER A 394 -2.95 37.23 19.06
CA SER A 394 -3.75 38.10 19.93
C SER A 394 -5.08 37.41 20.28
N THR A 395 -5.53 37.64 21.52
CA THR A 395 -6.85 37.24 22.00
C THR A 395 -7.97 37.64 21.03
N GLU A 396 -7.84 38.82 20.41
CA GLU A 396 -8.84 39.30 19.49
C GLU A 396 -8.79 38.48 18.19
N GLU A 397 -7.56 38.23 17.68
CA GLU A 397 -7.34 37.52 16.42
C GLU A 397 -7.82 36.07 16.51
N LYS A 398 -7.68 35.47 17.70
CA LYS A 398 -8.11 34.11 17.98
C LYS A 398 -9.63 34.01 18.07
N SER A 399 -10.25 35.08 18.62
CA SER A 399 -11.69 35.16 18.76
C SER A 399 -12.37 35.24 17.38
N ILE A 400 -11.80 36.05 16.48
CA ILE A 400 -12.26 36.14 15.10
C ILE A 400 -12.13 34.78 14.40
N ILE A 401 -10.99 34.10 14.53
CA ILE A 401 -10.79 32.82 13.87
C ILE A 401 -11.81 31.80 14.40
N LYS A 402 -12.06 31.80 15.70
CA LYS A 402 -12.96 30.81 16.27
C LYS A 402 -14.40 31.08 15.82
N GLU A 403 -14.77 32.36 15.69
CA GLU A 403 -16.14 32.71 15.33
C GLU A 403 -16.37 32.33 13.87
N GLU A 404 -15.38 32.59 13.01
CA GLU A 404 -15.47 32.19 11.62
C GLU A 404 -15.64 30.68 11.50
N MET A 405 -14.89 29.94 12.32
CA MET A 405 -14.85 28.50 12.18
C MET A 405 -16.12 27.82 12.70
N LEU A 406 -16.75 28.40 13.73
CA LEU A 406 -18.09 27.98 14.14
C LEU A 406 -19.10 28.13 13.00
N LEU A 407 -19.13 29.29 12.30
CA LEU A 407 -19.97 29.43 11.12
C LEU A 407 -19.65 28.38 10.05
N GLU A 408 -18.35 28.16 9.80
CA GLU A 408 -17.89 27.21 8.81
C GLU A 408 -18.39 25.80 9.12
N VAL A 409 -18.14 25.35 10.35
CA VAL A 409 -18.38 23.94 10.61
C VAL A 409 -19.86 23.63 10.71
N ASN A 410 -20.66 24.60 11.22
CA ASN A 410 -22.11 24.38 11.33
C ASN A 410 -22.82 24.37 9.97
N ARG A 411 -22.26 25.07 8.97
CA ARG A 411 -22.74 24.98 7.60
C ARG A 411 -22.38 23.66 6.93
N PHE A 412 -21.12 23.23 7.06
CA PHE A 412 -20.71 21.94 6.54
C PHE A 412 -21.41 20.79 7.23
N ALA A 413 -21.81 20.95 8.48
CA ALA A 413 -22.63 19.92 9.13
C ALA A 413 -23.92 19.63 8.35
N LEU A 414 -24.46 20.62 7.61
CA LEU A 414 -25.66 20.35 6.82
C LEU A 414 -25.34 19.34 5.73
N ALA A 415 -24.09 19.30 5.24
CA ALA A 415 -23.69 18.36 4.21
C ALA A 415 -23.56 16.96 4.79
N SER A 416 -23.21 16.84 6.09
CA SER A 416 -23.26 15.54 6.77
C SER A 416 -24.67 14.94 6.72
N HIS A 417 -25.71 15.74 7.05
CA HIS A 417 -27.09 15.25 6.99
C HIS A 417 -27.48 14.88 5.56
N PHE A 418 -27.17 15.76 4.59
CA PHE A 418 -27.58 15.51 3.22
C PHE A 418 -26.91 14.27 2.67
N LEU A 419 -25.60 14.12 2.90
CA LEU A 419 -24.85 13.02 2.29
C LEU A 419 -25.28 11.69 2.88
N TRP A 420 -25.30 11.61 4.24
CA TRP A 420 -25.62 10.33 4.89
C TRP A 420 -27.10 9.99 4.81
N GLY A 421 -27.95 11.02 4.71
CA GLY A 421 -29.33 10.76 4.36
C GLY A 421 -29.50 10.11 2.99
N LEU A 422 -28.90 10.68 1.93
CA LEU A 422 -28.89 10.04 0.61
C LEU A 422 -28.28 8.63 0.68
N TRP A 423 -27.14 8.49 1.35
CA TRP A 423 -26.50 7.19 1.55
C TRP A 423 -27.48 6.16 2.11
N SER A 424 -28.25 6.59 3.14
CA SER A 424 -29.16 5.68 3.83
C SER A 424 -30.30 5.21 2.92
N ILE A 425 -30.82 6.11 2.07
CA ILE A 425 -31.86 5.66 1.14
C ILE A 425 -31.28 4.57 0.24
N VAL A 426 -30.00 4.70 -0.15
CA VAL A 426 -29.40 3.73 -1.04
C VAL A 426 -29.22 2.40 -0.32
N GLN A 427 -28.70 2.44 0.91
CA GLN A 427 -28.63 1.26 1.75
C GLN A 427 -30.00 0.56 1.86
N ALA A 428 -31.11 1.32 1.86
CA ALA A 428 -32.43 0.70 2.01
C ALA A 428 -32.67 -0.24 0.83
N LYS A 429 -32.35 0.18 -0.40
CA LYS A 429 -32.55 -0.69 -1.56
C LYS A 429 -31.57 -1.87 -1.51
N ILE A 430 -30.27 -1.61 -1.31
CA ILE A 430 -29.24 -2.56 -1.70
C ILE A 430 -28.68 -3.30 -0.49
N SER A 431 -28.99 -2.87 0.73
CA SER A 431 -28.38 -3.51 1.89
C SER A 431 -29.22 -4.71 2.33
N SER A 432 -28.48 -5.71 2.85
CA SER A 432 -28.99 -6.92 3.51
C SER A 432 -28.42 -7.02 4.93
N ILE A 433 -27.80 -5.94 5.42
CA ILE A 433 -27.66 -5.66 6.84
C ILE A 433 -29.02 -5.10 7.29
N GLU A 434 -29.44 -5.39 8.53
CA GLU A 434 -30.79 -5.05 8.98
C GLU A 434 -30.74 -3.73 9.77
N PHE A 435 -31.61 -2.77 9.42
CA PHE A 435 -31.57 -1.43 9.98
C PHE A 435 -32.74 -0.65 9.38
N GLY A 436 -33.22 0.36 10.12
CA GLY A 436 -34.20 1.32 9.64
C GLY A 436 -33.55 2.44 8.84
N TYR A 437 -33.15 2.07 7.60
CA TYR A 437 -32.44 2.93 6.67
C TYR A 437 -33.31 4.10 6.27
N MET A 438 -34.56 3.82 5.96
CA MET A 438 -35.49 4.86 5.54
C MET A 438 -35.84 5.81 6.69
N ASP A 439 -35.98 5.28 7.92
CA ASP A 439 -36.21 6.10 9.10
C ASP A 439 -34.99 6.98 9.41
N TYR A 440 -33.77 6.40 9.31
CA TYR A 440 -32.52 7.13 9.54
C TYR A 440 -32.35 8.26 8.50
N ALA A 441 -32.70 8.00 7.24
CA ALA A 441 -32.73 9.04 6.21
C ALA A 441 -33.66 10.18 6.62
N GLN A 442 -34.85 9.87 7.10
CA GLN A 442 -35.79 10.90 7.45
C GLN A 442 -35.20 11.69 8.61
N ALA A 443 -34.57 11.00 9.57
CA ALA A 443 -33.99 11.69 10.70
C ALA A 443 -32.91 12.67 10.22
N ARG A 444 -32.05 12.23 9.26
CA ARG A 444 -30.99 13.14 8.81
C ARG A 444 -31.59 14.37 8.11
N PHE A 445 -32.58 14.19 7.24
CA PHE A 445 -33.26 15.33 6.58
C PHE A 445 -34.09 16.22 7.50
N ASP A 446 -34.66 15.65 8.58
CA ASP A 446 -35.29 16.45 9.62
C ASP A 446 -34.25 17.36 10.27
N ALA A 447 -33.07 16.81 10.59
CA ALA A 447 -32.01 17.62 11.18
C ALA A 447 -31.53 18.70 10.20
N TYR A 448 -31.45 18.33 8.91
CA TYR A 448 -31.01 19.26 7.87
C TYR A 448 -31.88 20.51 7.88
N PHE A 449 -33.21 20.32 7.85
CA PHE A 449 -34.13 21.44 7.73
C PHE A 449 -34.19 22.19 9.06
N HIS A 450 -34.10 21.49 10.19
CA HIS A 450 -34.12 22.16 11.49
C HIS A 450 -32.91 23.07 11.69
N GLN A 451 -31.70 22.59 11.35
CA GLN A 451 -30.47 23.39 11.53
C GLN A 451 -30.42 24.52 10.49
N LYS A 452 -30.81 24.25 9.25
CA LYS A 452 -30.83 25.26 8.20
C LYS A 452 -31.61 26.49 8.68
N ARG A 453 -32.80 26.25 9.24
CA ARG A 453 -33.69 27.29 9.71
C ARG A 453 -33.08 28.02 10.91
N LYS A 454 -32.47 27.30 11.84
CA LYS A 454 -31.75 27.91 12.95
C LYS A 454 -30.62 28.83 12.46
N LEU A 455 -29.88 28.41 11.42
CA LEU A 455 -28.80 29.22 10.85
C LEU A 455 -29.31 30.44 10.06
N GLY A 456 -30.54 30.39 9.58
CA GLY A 456 -31.09 31.49 8.78
C GLY A 456 -30.55 31.48 7.36
N VAL A 457 -30.18 30.29 6.84
CA VAL A 457 -29.51 30.15 5.54
C VAL A 457 -30.37 29.31 4.58
N GLU B 81 10.89 11.89 -27.61
CA GLU B 81 11.07 12.82 -26.45
C GLU B 81 9.72 13.38 -26.01
N GLN B 82 8.85 13.80 -26.93
CA GLN B 82 7.59 14.44 -26.59
C GLN B 82 6.47 13.40 -26.70
N PRO B 83 5.59 13.22 -25.68
CA PRO B 83 4.56 12.18 -25.70
C PRO B 83 3.39 12.53 -26.62
N GLU B 84 2.48 11.57 -26.83
CA GLU B 84 1.27 11.85 -27.59
C GLU B 84 0.47 12.96 -26.90
N PRO B 85 -0.36 13.75 -27.64
CA PRO B 85 -1.05 14.90 -27.03
C PRO B 85 -2.07 14.50 -25.95
N ARG B 86 -2.70 13.34 -26.10
CA ARG B 86 -3.64 12.86 -25.11
C ARG B 86 -2.91 12.48 -23.81
N THR B 87 -1.70 11.92 -23.93
CA THR B 87 -0.91 11.58 -22.75
C THR B 87 -0.44 12.86 -22.06
N ARG B 88 -0.04 13.86 -22.85
CA ARG B 88 0.37 15.14 -22.30
C ARG B 88 -0.72 15.71 -21.38
N ARG B 89 -1.97 15.56 -21.79
CA ARG B 89 -3.10 16.22 -21.15
C ARG B 89 -3.54 15.44 -19.92
N ARG B 90 -3.51 14.11 -20.01
CA ARG B 90 -3.77 13.27 -18.86
C ARG B 90 -2.70 13.51 -17.78
N ALA B 91 -1.42 13.61 -18.19
CA ALA B 91 -0.32 13.77 -17.25
C ALA B 91 -0.47 15.11 -16.57
N TYR B 92 -0.88 16.12 -17.35
CA TYR B 92 -1.00 17.47 -16.85
C TYR B 92 -2.03 17.48 -15.72
N LEU B 93 -3.16 16.81 -15.93
CA LEU B 93 -4.21 16.78 -14.93
C LEU B 93 -3.83 15.97 -13.68
N TRP B 94 -3.19 14.80 -13.86
CA TRP B 94 -2.68 14.02 -12.73
C TRP B 94 -1.76 14.86 -11.85
N CYS B 95 -0.83 15.57 -12.47
CA CYS B 95 0.16 16.39 -11.77
C CYS B 95 -0.53 17.52 -11.01
N LYS B 96 -1.46 18.17 -11.68
CA LYS B 96 -2.16 19.35 -11.17
C LYS B 96 -2.99 18.94 -9.94
N GLU B 97 -3.56 17.74 -9.97
CA GLU B 97 -4.52 17.36 -8.93
C GLU B 97 -3.86 16.56 -7.79
N PHE B 98 -2.80 15.78 -8.07
CA PHE B 98 -2.14 15.00 -7.03
C PHE B 98 -1.00 15.76 -6.32
N LEU B 99 -0.42 16.77 -6.97
CA LEU B 99 0.74 17.44 -6.42
C LEU B 99 0.36 18.81 -5.90
N PRO B 100 0.94 19.18 -4.75
CA PRO B 100 0.68 20.46 -4.10
C PRO B 100 1.54 21.63 -4.58
N GLY B 101 1.21 22.82 -4.05
CA GLY B 101 2.00 24.02 -4.30
C GLY B 101 1.81 24.56 -5.72
N ALA B 102 2.91 24.92 -6.38
CA ALA B 102 2.85 25.59 -7.67
C ALA B 102 2.20 24.72 -8.74
N TRP B 103 2.12 23.40 -8.53
CA TRP B 103 1.43 22.47 -9.43
C TRP B 103 -0.06 22.79 -9.53
N ARG B 104 -0.69 23.20 -8.42
CA ARG B 104 -2.13 23.32 -8.29
C ARG B 104 -2.63 24.41 -9.27
N GLY B 105 -1.81 25.44 -9.57
CA GLY B 105 -2.19 26.57 -10.43
C GLY B 105 -1.38 26.66 -11.73
N LEU B 106 -0.76 25.55 -12.13
CA LEU B 106 -0.02 25.51 -13.38
C LEU B 106 -1.03 25.47 -14.52
N ARG B 107 -0.76 26.21 -15.62
CA ARG B 107 -1.57 26.13 -16.83
C ARG B 107 -1.02 25.01 -17.72
N GLU B 108 -1.86 24.49 -18.62
CA GLU B 108 -1.40 23.43 -19.50
C GLU B 108 -0.19 23.89 -20.30
N ASP B 109 -0.13 25.17 -20.68
CA ASP B 109 0.87 25.66 -21.61
C ASP B 109 2.21 25.83 -20.87
N GLU B 110 2.20 25.82 -19.54
CA GLU B 110 3.43 25.86 -18.76
C GLU B 110 3.94 24.44 -18.41
N PHE B 111 3.19 23.37 -18.75
CA PHE B 111 3.52 22.03 -18.28
C PHE B 111 4.63 21.43 -19.16
N HIS B 112 5.67 20.86 -18.53
CA HIS B 112 6.74 20.18 -19.25
C HIS B 112 6.70 18.68 -18.95
N ILE B 113 6.74 17.90 -20.04
CA ILE B 113 6.78 16.45 -20.00
C ILE B 113 7.69 15.93 -21.12
N SER B 114 8.43 14.86 -20.83
CA SER B 114 9.15 14.12 -21.86
C SER B 114 9.16 12.63 -21.54
N VAL B 115 9.40 11.84 -22.61
CA VAL B 115 9.40 10.40 -22.54
C VAL B 115 10.74 9.97 -21.99
N ILE B 116 10.69 9.05 -21.03
CA ILE B 116 11.90 8.46 -20.47
C ILE B 116 12.04 7.02 -20.94
N ARG B 117 10.90 6.33 -21.07
CA ARG B 117 10.85 4.92 -21.46
C ARG B 117 9.49 4.75 -22.12
N GLY B 118 9.51 4.27 -23.37
CA GLY B 118 8.34 3.76 -24.06
C GLY B 118 8.10 2.30 -23.72
N GLY B 119 7.45 1.60 -24.67
CA GLY B 119 6.95 0.25 -24.46
C GLY B 119 5.42 0.24 -24.51
N LEU B 120 4.87 -0.93 -24.18
CA LEU B 120 3.42 -1.11 -24.11
C LEU B 120 3.00 -1.13 -22.64
N SER B 121 3.95 -1.48 -21.75
CA SER B 121 3.77 -1.52 -20.30
C SER B 121 4.82 -0.64 -19.58
N ASN B 122 4.43 -0.10 -18.42
CA ASN B 122 5.30 0.72 -17.58
C ASN B 122 6.01 1.80 -18.40
N MET B 123 5.27 2.59 -19.19
CA MET B 123 5.82 3.79 -19.81
C MET B 123 6.21 4.77 -18.69
N LEU B 124 7.35 5.46 -18.88
CA LEU B 124 7.90 6.39 -17.91
C LEU B 124 7.99 7.75 -18.57
N PHE B 125 7.54 8.79 -17.84
CA PHE B 125 7.70 10.16 -18.29
C PHE B 125 8.24 11.01 -17.15
N GLN B 126 9.02 12.03 -17.49
CA GLN B 126 9.46 13.05 -16.55
C GLN B 126 8.53 14.27 -16.69
N CYS B 127 7.95 14.76 -15.57
CA CYS B 127 7.05 15.91 -15.62
C CYS B 127 7.63 17.01 -14.76
N SER B 128 7.62 18.27 -15.23
CA SER B 128 8.29 19.30 -14.45
C SER B 128 7.63 20.67 -14.58
N LEU B 129 7.86 21.46 -13.54
CA LEU B 129 7.59 22.86 -13.48
C LEU B 129 8.50 23.58 -14.48
N PRO B 130 8.06 24.74 -15.03
CA PRO B 130 8.96 25.62 -15.76
C PRO B 130 10.11 26.06 -14.86
N ASP B 131 11.31 26.31 -15.44
CA ASP B 131 12.48 26.74 -14.68
C ASP B 131 12.22 28.09 -14.00
N THR B 132 11.31 28.90 -14.54
CA THR B 132 11.05 30.25 -14.03
C THR B 132 9.88 30.27 -13.04
N THR B 133 9.24 29.11 -12.79
CA THR B 133 8.22 28.99 -11.76
C THR B 133 8.91 28.63 -10.43
N ALA B 134 8.64 29.42 -9.41
CA ALA B 134 9.06 29.19 -8.03
C ALA B 134 8.13 28.19 -7.33
N THR B 135 8.70 27.36 -6.45
CA THR B 135 7.92 26.50 -5.56
C THR B 135 7.37 27.36 -4.41
N LEU B 136 6.28 26.91 -3.81
CA LEU B 136 5.60 27.60 -2.74
C LEU B 136 5.92 26.96 -1.40
N GLY B 137 6.28 25.66 -1.41
CA GLY B 137 6.71 24.94 -0.23
C GLY B 137 7.73 23.83 -0.54
N ASP B 138 7.41 22.60 -0.11
CA ASP B 138 8.34 21.50 -0.19
CA ASP B 138 8.31 21.47 -0.16
C ASP B 138 7.96 20.53 -1.31
N GLU B 139 7.15 21.02 -2.29
CA GLU B 139 6.69 20.20 -3.40
C GLU B 139 7.87 19.97 -4.34
N PRO B 140 7.93 18.82 -5.04
CA PRO B 140 8.97 18.63 -6.05
C PRO B 140 8.84 19.51 -7.30
N ARG B 141 9.93 19.76 -8.00
CA ARG B 141 9.97 20.51 -9.24
C ARG B 141 9.79 19.57 -10.41
N LYS B 142 10.11 18.30 -10.22
CA LYS B 142 10.13 17.27 -11.26
C LYS B 142 9.65 15.97 -10.63
N VAL B 143 8.79 15.20 -11.31
CA VAL B 143 8.38 13.90 -10.80
C VAL B 143 8.43 12.87 -11.93
N LEU B 144 8.27 11.60 -11.58
CA LEU B 144 8.19 10.53 -12.55
C LEU B 144 6.75 10.03 -12.61
N LEU B 145 6.22 9.97 -13.83
CA LEU B 145 4.95 9.34 -14.14
C LEU B 145 5.20 7.95 -14.70
N ARG B 146 4.60 6.94 -14.05
CA ARG B 146 4.61 5.57 -14.50
C ARG B 146 3.19 5.20 -14.89
N LEU B 147 2.97 4.86 -16.16
CA LEU B 147 1.69 4.34 -16.64
C LEU B 147 1.77 2.83 -16.81
N TYR B 148 0.86 2.09 -16.19
CA TYR B 148 0.95 0.64 -16.27
C TYR B 148 0.75 0.14 -17.70
N GLY B 149 -0.18 0.73 -18.47
CA GLY B 149 -0.47 0.22 -19.81
C GLY B 149 -1.16 -1.16 -19.77
N ALA B 150 -0.47 -2.20 -20.27
CA ALA B 150 -0.90 -3.59 -20.16
C ALA B 150 -0.10 -4.32 -19.06
N ALA B 174 -4.58 -7.12 -10.78
CA ALA B 174 -5.56 -7.64 -9.81
C ALA B 174 -4.91 -7.64 -8.41
N GLU B 175 -4.53 -8.83 -7.90
CA GLU B 175 -3.87 -8.98 -6.62
C GLU B 175 -2.37 -8.65 -6.72
N ALA B 176 -1.89 -8.31 -7.93
CA ALA B 176 -0.51 -7.92 -8.17
C ALA B 176 -0.35 -6.41 -7.98
N MET B 177 -1.37 -5.66 -8.44
CA MET B 177 -1.35 -4.20 -8.38
C MET B 177 -1.33 -3.73 -6.93
N VAL B 178 -2.14 -4.34 -6.05
CA VAL B 178 -2.19 -3.87 -4.67
C VAL B 178 -0.86 -4.18 -3.99
N LEU B 179 -0.29 -5.38 -4.26
CA LEU B 179 0.92 -5.87 -3.63
C LEU B 179 2.08 -4.91 -3.92
N GLU B 180 2.27 -4.58 -5.21
CA GLU B 180 3.36 -3.74 -5.69
C GLU B 180 3.16 -2.29 -5.19
N SER B 181 1.91 -1.82 -5.22
CA SER B 181 1.56 -0.51 -4.71
C SER B 181 1.84 -0.40 -3.20
N VAL B 182 1.46 -1.43 -2.45
CA VAL B 182 1.65 -1.43 -1.00
C VAL B 182 3.13 -1.44 -0.70
N MET B 183 3.85 -2.26 -1.46
CA MET B 183 5.28 -2.40 -1.24
C MET B 183 5.97 -1.08 -1.54
N PHE B 184 5.64 -0.48 -2.68
CA PHE B 184 6.21 0.81 -3.06
C PHE B 184 5.95 1.85 -1.97
N ALA B 185 4.73 1.91 -1.42
CA ALA B 185 4.39 2.91 -0.41
C ALA B 185 5.23 2.69 0.84
N ILE B 186 5.40 1.43 1.21
CA ILE B 186 6.11 1.04 2.42
C ILE B 186 7.59 1.40 2.29
N LEU B 187 8.20 1.04 1.15
CA LEU B 187 9.60 1.41 0.94
C LEU B 187 9.77 2.92 1.08
N ALA B 188 8.84 3.71 0.51
CA ALA B 188 8.87 5.17 0.60
C ALA B 188 8.82 5.63 2.06
N GLU B 189 7.89 5.10 2.84
CA GLU B 189 7.73 5.50 4.24
C GLU B 189 8.99 5.23 5.06
N ARG B 190 9.78 4.23 4.62
CA ARG B 190 10.97 3.82 5.37
C ARG B 190 12.24 4.44 4.80
N SER B 191 12.14 5.29 3.75
CA SER B 191 13.26 6.00 3.15
C SER B 191 14.22 4.97 2.55
N LEU B 192 13.65 3.99 1.83
CA LEU B 192 14.35 2.95 1.09
C LEU B 192 14.07 3.04 -0.41
N GLY B 193 13.08 3.85 -0.79
CA GLY B 193 12.73 4.03 -2.18
C GLY B 193 12.26 5.45 -2.43
N PRO B 194 12.02 5.78 -3.71
CA PRO B 194 11.46 7.09 -4.05
C PRO B 194 10.10 7.30 -3.37
N LYS B 195 9.82 8.54 -2.98
CA LYS B 195 8.51 8.88 -2.46
C LYS B 195 7.40 8.58 -3.47
N LEU B 196 6.21 8.32 -2.92
CA LEU B 196 5.02 8.15 -3.74
C LEU B 196 4.11 9.38 -3.58
N TYR B 197 3.87 10.08 -4.69
CA TYR B 197 3.18 11.36 -4.65
C TYR B 197 1.73 11.19 -5.10
N GLY B 198 1.45 10.15 -5.89
CA GLY B 198 0.11 9.97 -6.42
C GLY B 198 -0.11 8.54 -6.89
N ILE B 199 -1.30 8.01 -6.56
CA ILE B 199 -1.71 6.73 -7.10
C ILE B 199 -3.15 6.82 -7.63
N PHE B 200 -3.30 6.26 -8.81
CA PHE B 200 -4.55 6.27 -9.55
C PHE B 200 -4.61 4.99 -10.39
N PRO B 201 -5.75 4.65 -11.01
CA PRO B 201 -5.88 3.33 -11.67
C PRO B 201 -4.93 3.13 -12.85
N GLN B 202 -4.59 4.21 -13.58
CA GLN B 202 -3.75 4.11 -14.76
C GLN B 202 -2.26 4.13 -14.42
N GLY B 203 -1.86 4.46 -13.18
CA GLY B 203 -0.45 4.62 -12.90
C GLY B 203 -0.14 5.32 -11.59
N ARG B 204 1.06 5.89 -11.53
CA ARG B 204 1.43 6.60 -10.33
C ARG B 204 2.46 7.68 -10.63
N LEU B 205 2.51 8.62 -9.68
CA LEU B 205 3.48 9.69 -9.68
C LEU B 205 4.48 9.40 -8.56
N GLU B 206 5.77 9.45 -8.91
CA GLU B 206 6.83 9.17 -7.95
C GLU B 206 7.86 10.29 -7.92
N GLN B 207 8.65 10.32 -6.85
CA GLN B 207 9.82 11.20 -6.77
C GLN B 207 10.75 10.88 -7.94
N PHE B 208 11.21 11.94 -8.65
CA PHE B 208 12.15 11.78 -9.73
C PHE B 208 13.55 11.83 -9.11
N ILE B 209 14.31 10.74 -9.29
CA ILE B 209 15.64 10.57 -8.71
C ILE B 209 16.68 10.73 -9.82
N PRO B 210 17.42 11.84 -9.95
CA PRO B 210 18.50 11.92 -10.95
C PRO B 210 19.56 10.86 -10.67
N SER B 211 19.85 10.08 -11.71
CA SER B 211 20.48 8.78 -11.62
C SER B 211 20.69 8.22 -13.02
N ARG B 212 21.50 7.16 -13.08
CA ARG B 212 21.50 6.24 -14.21
C ARG B 212 21.64 4.83 -13.66
N ARG B 213 21.25 3.84 -14.47
CA ARG B 213 21.43 2.43 -14.19
C ARG B 213 22.90 2.10 -14.35
N LEU B 214 23.37 1.04 -13.66
CA LEU B 214 24.72 0.57 -13.85
C LEU B 214 24.79 -0.19 -15.18
N ASP B 215 26.04 -0.34 -15.67
CA ASP B 215 26.41 -1.32 -16.69
C ASP B 215 26.93 -2.58 -16.01
N THR B 216 26.86 -3.70 -16.73
CA THR B 216 27.27 -5.02 -16.26
C THR B 216 28.68 -5.06 -15.65
N GLU B 217 29.60 -4.34 -16.30
CA GLU B 217 30.99 -4.29 -15.86
C GLU B 217 31.15 -3.56 -14.52
N GLU B 218 30.19 -2.67 -14.17
CA GLU B 218 30.28 -1.90 -12.93
C GLU B 218 29.96 -2.78 -11.74
N LEU B 219 29.33 -3.94 -11.95
CA LEU B 219 29.03 -4.83 -10.83
C LEU B 219 30.28 -5.29 -10.08
N SER B 220 31.44 -5.38 -10.78
CA SER B 220 32.66 -5.89 -10.17
C SER B 220 33.50 -4.77 -9.52
N LEU B 221 33.12 -3.52 -9.68
CA LEU B 221 33.80 -2.43 -8.99
C LEU B 221 33.64 -2.71 -7.50
N PRO B 222 34.74 -2.82 -6.72
CA PRO B 222 34.60 -3.25 -5.32
C PRO B 222 33.64 -2.42 -4.44
N ASP B 223 33.66 -1.09 -4.60
CA ASP B 223 32.80 -0.20 -3.82
CA ASP B 223 32.81 -0.07 -3.97
C ASP B 223 31.32 -0.38 -4.23
N ILE B 224 31.04 -0.70 -5.50
CA ILE B 224 29.71 -0.96 -6.00
C ILE B 224 29.23 -2.28 -5.42
N SER B 225 30.08 -3.29 -5.52
CA SER B 225 29.75 -4.64 -5.09
C SER B 225 29.45 -4.65 -3.59
N ALA B 226 30.30 -3.98 -2.79
CA ALA B 226 30.10 -3.93 -1.36
C ALA B 226 28.77 -3.26 -1.00
N GLU B 227 28.39 -2.20 -1.73
CA GLU B 227 27.15 -1.49 -1.44
C GLU B 227 25.94 -2.30 -1.94
N ILE B 228 26.04 -2.97 -3.10
CA ILE B 228 24.97 -3.86 -3.50
C ILE B 228 24.70 -4.89 -2.40
N ALA B 229 25.75 -5.40 -1.75
CA ALA B 229 25.56 -6.40 -0.71
C ALA B 229 24.85 -5.82 0.53
N GLU B 230 25.27 -4.64 0.94
CA GLU B 230 24.74 -3.95 2.12
C GLU B 230 23.26 -3.65 1.88
N LYS B 231 22.92 -3.21 0.66
CA LYS B 231 21.56 -2.86 0.30
C LYS B 231 20.72 -4.13 0.24
N MET B 232 21.24 -5.19 -0.36
CA MET B 232 20.55 -6.47 -0.42
C MET B 232 20.34 -7.04 0.99
N ALA B 233 21.33 -6.96 1.87
CA ALA B 233 21.16 -7.38 3.26
C ALA B 233 20.04 -6.60 3.95
N THR B 234 19.92 -5.32 3.61
CA THR B 234 18.93 -4.43 4.22
C THR B 234 17.53 -4.83 3.75
N PHE B 235 17.37 -5.06 2.43
CA PHE B 235 16.15 -5.61 1.80
CA PHE B 235 16.08 -5.51 1.93
C PHE B 235 15.71 -6.88 2.54
N HIS B 236 16.69 -7.77 2.79
CA HIS B 236 16.47 -9.11 3.33
C HIS B 236 16.02 -9.04 4.79
N GLY B 237 16.32 -7.95 5.51
CA GLY B 237 15.86 -7.83 6.92
C GLY B 237 14.47 -7.17 7.05
N MET B 238 13.90 -6.66 5.96
CA MET B 238 12.62 -5.96 5.95
C MET B 238 11.45 -6.93 6.27
N LYS B 239 10.55 -6.53 7.16
CA LYS B 239 9.28 -7.20 7.33
C LYS B 239 8.30 -6.60 6.34
N MET B 240 7.60 -7.47 5.61
CA MET B 240 6.66 -7.06 4.58
C MET B 240 5.40 -7.88 4.82
N PRO B 241 4.20 -7.33 4.57
CA PRO B 241 2.97 -8.09 4.86
C PRO B 241 2.62 -9.11 3.78
N PHE B 242 3.60 -9.88 3.31
CA PHE B 242 3.39 -10.82 2.22
C PHE B 242 3.65 -12.22 2.75
N ASN B 243 3.28 -13.22 1.94
CA ASN B 243 3.34 -14.62 2.31
C ASN B 243 4.79 -15.01 2.56
N LYS B 244 5.06 -15.55 3.76
CA LYS B 244 6.41 -15.90 4.20
C LYS B 244 6.80 -17.34 3.82
N GLU B 245 5.96 -18.02 3.03
CA GLU B 245 6.20 -19.39 2.61
C GLU B 245 6.98 -19.37 1.28
N PRO B 246 8.15 -20.04 1.21
CA PRO B 246 9.02 -19.95 0.03
C PRO B 246 8.60 -20.83 -1.14
N LYS B 247 7.42 -20.54 -1.67
CA LYS B 247 6.83 -21.30 -2.78
C LYS B 247 7.22 -20.74 -4.14
N TRP B 248 7.66 -19.46 -4.15
CA TRP B 248 7.89 -18.71 -5.39
C TRP B 248 8.84 -19.47 -6.33
N LEU B 249 9.98 -19.96 -5.80
CA LEU B 249 11.08 -20.43 -6.63
C LEU B 249 10.72 -21.71 -7.41
N PHE B 250 10.36 -22.78 -6.71
CA PHE B 250 10.01 -24.05 -7.36
C PHE B 250 8.62 -23.98 -7.97
N GLY B 251 7.68 -23.34 -7.26
CA GLY B 251 6.40 -22.96 -7.85
C GLY B 251 6.56 -22.43 -9.26
N THR B 252 7.46 -21.45 -9.43
CA THR B 252 7.64 -20.79 -10.72
C THR B 252 8.43 -21.67 -11.69
N MET B 253 9.39 -22.45 -11.19
CA MET B 253 10.15 -23.33 -12.09
C MET B 253 9.21 -24.41 -12.63
N GLU B 254 8.41 -25.07 -11.74
CA GLU B 254 7.41 -26.07 -12.16
C GLU B 254 6.44 -25.49 -13.20
N LYS B 255 5.90 -24.30 -12.91
CA LYS B 255 4.94 -23.66 -13.78
C LYS B 255 5.54 -23.45 -15.18
N TYR B 256 6.79 -22.99 -15.30
CA TYR B 256 7.37 -22.69 -16.61
C TYR B 256 7.80 -23.96 -17.33
N LEU B 257 8.20 -24.99 -16.59
CA LEU B 257 8.58 -26.24 -17.20
C LEU B 257 7.40 -26.84 -17.96
N LYS B 258 6.22 -26.90 -17.31
CA LYS B 258 4.98 -27.35 -17.93
C LYS B 258 4.77 -26.66 -19.27
N GLU B 259 4.66 -25.32 -19.26
CA GLU B 259 4.43 -24.55 -20.46
C GLU B 259 5.46 -24.93 -21.53
N VAL B 260 6.68 -25.25 -21.10
CA VAL B 260 7.79 -25.57 -22.01
C VAL B 260 7.53 -26.91 -22.69
N LEU B 261 7.08 -27.90 -21.92
CA LEU B 261 6.92 -29.27 -22.40
C LEU B 261 5.80 -29.35 -23.46
N ARG B 262 4.78 -28.49 -23.34
CA ARG B 262 3.65 -28.48 -24.26
C ARG B 262 3.72 -27.20 -25.10
N ILE B 263 4.80 -27.08 -25.89
CA ILE B 263 5.04 -25.97 -26.81
C ILE B 263 5.52 -26.58 -28.12
N LYS B 264 4.94 -26.15 -29.26
CA LYS B 264 5.36 -26.61 -30.59
C LYS B 264 5.80 -25.39 -31.42
N PHE B 265 6.96 -25.49 -32.09
CA PHE B 265 7.46 -24.38 -32.91
C PHE B 265 7.34 -24.70 -34.41
N THR B 266 7.22 -23.63 -35.20
CA THR B 266 7.19 -23.72 -36.66
C THR B 266 8.58 -24.04 -37.20
N GLU B 267 9.51 -23.07 -37.15
CA GLU B 267 10.64 -23.05 -38.07
C GLU B 267 11.68 -24.13 -37.72
N GLU B 268 12.68 -24.22 -38.60
CA GLU B 268 13.79 -25.15 -38.46
C GLU B 268 14.67 -24.74 -37.29
N SER B 269 14.95 -23.44 -37.19
CA SER B 269 15.91 -22.89 -36.23
C SER B 269 15.39 -23.08 -34.80
N ARG B 270 14.12 -22.70 -34.56
CA ARG B 270 13.52 -22.82 -33.23
C ARG B 270 13.30 -24.28 -32.80
N ILE B 271 13.03 -25.22 -33.73
CA ILE B 271 12.74 -26.60 -33.35
C ILE B 271 14.05 -27.33 -33.04
N LYS B 272 15.15 -27.03 -33.75
CA LYS B 272 16.45 -27.68 -33.50
C LYS B 272 17.03 -27.15 -32.16
N LYS B 273 16.72 -25.89 -31.81
CA LYS B 273 17.13 -25.28 -30.53
C LYS B 273 16.33 -25.83 -29.35
N LEU B 274 14.99 -25.89 -29.49
CA LEU B 274 14.16 -26.49 -28.46
C LEU B 274 14.50 -27.97 -28.26
N HIS B 275 14.95 -28.64 -29.33
CA HIS B 275 15.24 -30.06 -29.24
C HIS B 275 16.44 -30.27 -28.33
N LYS B 276 17.47 -29.43 -28.46
CA LYS B 276 18.67 -29.61 -27.65
C LYS B 276 18.32 -29.44 -26.16
N LEU B 277 17.47 -28.45 -25.85
CA LEU B 277 17.19 -28.10 -24.46
C LEU B 277 16.43 -29.25 -23.80
N LEU B 278 15.41 -29.77 -24.49
CA LEU B 278 14.58 -30.87 -23.98
C LEU B 278 15.40 -32.17 -23.81
N SER B 279 16.48 -32.31 -24.60
CA SER B 279 17.37 -33.45 -24.61
C SER B 279 18.16 -33.61 -23.31
N TYR B 280 18.16 -32.57 -22.44
CA TYR B 280 18.83 -32.59 -21.14
C TYR B 280 17.97 -33.28 -20.08
N ASN B 281 16.69 -33.50 -20.42
CA ASN B 281 15.74 -34.12 -19.51
C ASN B 281 15.53 -33.18 -18.33
N LEU B 282 14.78 -32.11 -18.60
CA LEU B 282 14.60 -30.98 -17.69
C LEU B 282 13.77 -31.43 -16.48
N PRO B 283 12.71 -32.27 -16.65
CA PRO B 283 11.97 -32.75 -15.48
C PRO B 283 12.83 -33.52 -14.48
N LEU B 284 13.88 -34.20 -14.94
CA LEU B 284 14.77 -34.90 -14.03
C LEU B 284 15.69 -33.91 -13.31
N GLU B 285 16.31 -33.02 -14.11
CA GLU B 285 17.20 -31.99 -13.60
C GLU B 285 16.47 -31.20 -12.52
N LEU B 286 15.19 -30.85 -12.74
CA LEU B 286 14.43 -30.10 -11.75
C LEU B 286 14.39 -30.84 -10.43
N GLU B 287 14.27 -32.17 -10.47
CA GLU B 287 14.06 -32.96 -9.26
C GLU B 287 15.39 -33.19 -8.56
N ASN B 288 16.49 -33.27 -9.35
CA ASN B 288 17.82 -33.31 -8.74
C ASN B 288 18.18 -31.95 -8.10
N LEU B 289 17.80 -30.85 -8.79
CA LEU B 289 18.00 -29.49 -8.29
C LEU B 289 17.19 -29.34 -7.00
N ARG B 290 15.94 -29.82 -7.02
CA ARG B 290 15.11 -29.72 -5.83
C ARG B 290 15.78 -30.45 -4.67
N SER B 291 16.35 -31.63 -4.94
CA SER B 291 16.94 -32.43 -3.87
C SER B 291 18.17 -31.75 -3.28
N LEU B 292 19.05 -31.23 -4.17
CA LEU B 292 20.24 -30.50 -3.77
C LEU B 292 19.86 -29.29 -2.90
N LEU B 293 18.88 -28.47 -3.35
CA LEU B 293 18.50 -27.27 -2.59
C LEU B 293 17.78 -27.55 -1.27
N GLU B 294 16.98 -28.63 -1.16
CA GLU B 294 16.43 -29.08 0.12
C GLU B 294 17.52 -29.51 1.09
N SER B 295 18.69 -29.91 0.62
CA SER B 295 19.75 -30.25 1.55
C SER B 295 20.65 -29.04 1.82
N THR B 296 20.31 -27.86 1.25
CA THR B 296 21.11 -26.62 1.39
C THR B 296 20.35 -25.59 2.26
N PRO B 297 20.67 -25.53 3.58
CA PRO B 297 20.07 -24.51 4.45
C PRO B 297 20.39 -23.10 3.90
N SER B 298 19.34 -22.28 3.78
CA SER B 298 19.31 -20.91 3.30
C SER B 298 18.11 -20.24 3.99
N PRO B 299 18.28 -19.17 4.81
CA PRO B 299 17.12 -18.50 5.43
C PRO B 299 16.18 -17.94 4.36
N VAL B 300 14.89 -17.95 4.70
CA VAL B 300 13.85 -17.33 3.90
C VAL B 300 13.75 -15.87 4.34
N VAL B 301 13.85 -14.99 3.34
CA VAL B 301 13.93 -13.56 3.54
C VAL B 301 13.21 -12.94 2.38
N PHE B 302 12.93 -11.65 2.53
CA PHE B 302 12.27 -10.88 1.49
C PHE B 302 13.32 -10.61 0.43
N CYS B 303 13.14 -11.16 -0.78
CA CYS B 303 14.14 -11.12 -1.85
C CYS B 303 13.66 -10.25 -2.99
N HIS B 304 14.63 -9.60 -3.67
CA HIS B 304 14.37 -8.79 -4.86
C HIS B 304 14.05 -9.72 -6.06
N ASN B 305 14.86 -10.79 -6.20
CA ASN B 305 14.72 -11.86 -7.19
C ASN B 305 15.19 -11.44 -8.59
N ASP B 306 15.65 -10.20 -8.75
CA ASP B 306 16.08 -9.72 -10.05
C ASP B 306 17.13 -8.63 -9.87
N CYS B 307 18.09 -8.86 -8.94
CA CYS B 307 19.08 -7.83 -8.60
C CYS B 307 20.26 -7.88 -9.57
N GLN B 308 20.15 -7.04 -10.60
CA GLN B 308 21.04 -6.95 -11.75
C GLN B 308 21.25 -5.46 -12.02
N GLU B 309 22.21 -5.17 -12.90
CA GLU B 309 22.61 -3.79 -13.17
C GLU B 309 21.45 -2.86 -13.62
N GLY B 310 20.47 -3.38 -14.35
CA GLY B 310 19.37 -2.56 -14.86
C GLY B 310 18.39 -2.16 -13.77
N ASN B 311 18.46 -2.81 -12.58
CA ASN B 311 17.62 -2.52 -11.44
C ASN B 311 18.41 -1.85 -10.31
N ILE B 312 19.56 -1.25 -10.66
CA ILE B 312 20.40 -0.59 -9.68
C ILE B 312 20.74 0.81 -10.20
N LEU B 313 20.37 1.83 -9.41
CA LEU B 313 20.62 3.22 -9.75
C LEU B 313 21.85 3.70 -9.01
N LEU B 314 22.65 4.45 -9.76
CA LEU B 314 23.74 5.27 -9.30
C LEU B 314 23.22 6.69 -9.16
N LEU B 315 23.22 7.22 -7.95
CA LEU B 315 22.57 8.50 -7.68
C LEU B 315 23.49 9.66 -8.11
N GLU B 316 22.98 10.53 -8.97
CA GLU B 316 23.78 11.62 -9.51
C GLU B 316 24.18 12.58 -8.40
N GLY B 317 25.47 12.98 -8.39
CA GLY B 317 26.07 13.81 -7.37
C GLY B 317 26.75 13.00 -6.27
N ARG B 318 26.52 11.67 -6.20
CA ARG B 318 27.11 10.86 -5.14
C ARG B 318 28.29 10.00 -5.61
N GLU B 319 28.82 10.23 -6.83
CA GLU B 319 29.81 9.37 -7.48
C GLU B 319 31.08 9.27 -6.65
N ASN B 320 31.44 10.34 -5.94
CA ASN B 320 32.68 10.38 -5.16
C ASN B 320 32.56 9.73 -3.78
N SER B 321 31.35 9.38 -3.35
CA SER B 321 31.17 8.68 -2.09
C SER B 321 31.43 7.16 -2.25
N GLU B 322 32.19 6.57 -1.31
CA GLU B 322 32.52 5.15 -1.33
C GLU B 322 31.23 4.32 -1.16
N LYS B 323 30.42 4.79 -0.20
CA LYS B 323 29.18 4.17 0.24
C LYS B 323 27.99 5.10 -0.06
N GLN B 324 26.79 4.53 0.00
CA GLN B 324 25.54 5.28 -0.08
C GLN B 324 25.48 6.12 -1.36
N LYS B 325 25.76 5.50 -2.51
CA LYS B 325 25.49 6.16 -3.77
C LYS B 325 24.59 5.35 -4.71
N LEU B 326 24.02 4.22 -4.24
CA LEU B 326 23.12 3.41 -5.06
C LEU B 326 21.73 3.32 -4.41
N MET B 327 20.79 2.87 -5.24
CA MET B 327 19.44 2.52 -4.85
C MET B 327 18.99 1.32 -5.69
N LEU B 328 18.39 0.32 -5.05
CA LEU B 328 17.77 -0.80 -5.75
C LEU B 328 16.32 -0.42 -6.09
N ILE B 329 15.85 -0.79 -7.29
CA ILE B 329 14.53 -0.45 -7.78
C ILE B 329 13.94 -1.69 -8.44
N ASP B 330 12.63 -1.61 -8.81
CA ASP B 330 11.96 -2.54 -9.71
C ASP B 330 11.80 -3.92 -9.05
N PHE B 331 10.79 -3.98 -8.18
CA PHE B 331 10.52 -5.14 -7.35
CA PHE B 331 10.52 -5.14 -7.34
C PHE B 331 9.36 -5.97 -7.89
N GLU B 332 9.24 -6.06 -9.20
CA GLU B 332 8.15 -6.84 -9.78
C GLU B 332 8.20 -8.30 -9.32
N TYR B 333 9.40 -8.88 -9.10
CA TYR B 333 9.55 -10.31 -8.91
C TYR B 333 9.75 -10.64 -7.44
N SER B 334 9.60 -9.64 -6.57
CA SER B 334 9.99 -9.73 -5.18
C SER B 334 9.00 -10.59 -4.41
N SER B 335 9.53 -11.34 -3.44
CA SER B 335 8.78 -12.35 -2.71
C SER B 335 9.69 -12.87 -1.62
N TYR B 336 9.10 -13.47 -0.58
CA TYR B 336 9.85 -14.26 0.36
C TYR B 336 10.40 -15.47 -0.39
N ASN B 337 11.71 -15.71 -0.24
CA ASN B 337 12.45 -16.63 -1.07
C ASN B 337 13.70 -16.95 -0.26
N TYR B 338 14.43 -17.96 -0.71
CA TYR B 338 15.68 -18.32 -0.06
C TYR B 338 16.71 -17.25 -0.38
N ARG B 339 17.41 -16.82 0.66
CA ARG B 339 18.44 -15.81 0.52
C ARG B 339 19.44 -16.21 -0.57
N GLY B 340 19.85 -17.48 -0.57
CA GLY B 340 20.86 -17.95 -1.49
C GLY B 340 20.50 -17.63 -2.93
N PHE B 341 19.20 -17.61 -3.24
CA PHE B 341 18.78 -17.30 -4.60
C PHE B 341 19.09 -15.85 -4.98
N ASP B 342 18.80 -14.92 -4.03
CA ASP B 342 18.98 -13.49 -4.33
C ASP B 342 20.46 -13.24 -4.65
N ILE B 343 21.36 -13.79 -3.83
CA ILE B 343 22.79 -13.57 -4.02
C ILE B 343 23.31 -14.34 -5.24
N GLY B 344 22.98 -15.63 -5.31
CA GLY B 344 23.32 -16.48 -6.45
C GLY B 344 22.93 -15.89 -7.79
N ASN B 345 21.69 -15.36 -7.86
CA ASN B 345 21.15 -14.71 -9.05
C ASN B 345 21.98 -13.48 -9.40
N HIS B 346 22.30 -12.65 -8.38
CA HIS B 346 23.12 -11.45 -8.59
C HIS B 346 24.49 -11.84 -9.11
N PHE B 347 25.12 -12.88 -8.54
CA PHE B 347 26.42 -13.35 -9.09
C PHE B 347 26.32 -13.77 -10.56
N CYS B 348 25.27 -14.51 -10.94
CA CYS B 348 25.06 -14.90 -12.32
C CYS B 348 25.00 -13.67 -13.21
N GLU B 349 24.46 -12.55 -12.69
CA GLU B 349 24.24 -11.39 -13.55
C GLU B 349 25.53 -10.62 -13.88
N TRP B 350 26.66 -10.97 -13.22
CA TRP B 350 27.96 -10.48 -13.68
C TRP B 350 28.25 -10.96 -15.11
N MET B 351 27.66 -12.09 -15.50
CA MET B 351 27.97 -12.78 -16.74
C MET B 351 27.12 -12.29 -17.91
N TYR B 352 26.07 -11.47 -17.68
CA TYR B 352 25.06 -11.18 -18.71
C TYR B 352 24.93 -9.67 -18.92
N ASP B 353 25.14 -9.24 -20.17
CA ASP B 353 24.95 -7.87 -20.62
C ASP B 353 23.74 -7.78 -21.54
N TYR B 354 22.70 -7.05 -21.12
CA TYR B 354 21.46 -6.99 -21.88
C TYR B 354 21.36 -5.75 -22.75
N SER B 355 22.48 -5.03 -22.90
CA SER B 355 22.52 -3.78 -23.65
C SER B 355 23.14 -3.92 -25.05
N TYR B 356 23.45 -5.14 -25.52
CA TYR B 356 24.10 -5.32 -26.82
C TYR B 356 23.08 -5.07 -27.94
N GLU B 357 23.49 -4.37 -29.00
CA GLU B 357 22.56 -3.79 -29.97
C GLU B 357 22.30 -4.70 -31.18
N LYS B 358 23.23 -5.60 -31.52
CA LYS B 358 22.99 -6.60 -32.55
C LYS B 358 22.27 -7.79 -31.91
N TYR B 359 21.47 -8.52 -32.72
CA TYR B 359 20.95 -9.83 -32.36
C TYR B 359 22.13 -10.66 -31.84
N PRO B 360 21.98 -11.49 -30.78
CA PRO B 360 20.71 -11.72 -30.07
C PRO B 360 20.33 -10.77 -28.92
N PHE B 361 20.99 -9.60 -28.84
CA PHE B 361 20.64 -8.52 -27.93
C PHE B 361 21.11 -8.77 -26.49
N PHE B 362 22.04 -9.73 -26.28
CA PHE B 362 22.78 -9.89 -25.04
C PHE B 362 24.17 -10.40 -25.42
N ARG B 363 25.13 -10.21 -24.50
CA ARG B 363 26.42 -10.91 -24.47
C ARG B 363 26.45 -11.77 -23.21
N ALA B 364 27.08 -12.95 -23.29
CA ALA B 364 27.28 -13.83 -22.15
C ALA B 364 28.75 -14.20 -22.05
N ASN B 365 29.32 -14.14 -20.82
CA ASN B 365 30.73 -14.39 -20.60
C ASN B 365 30.90 -15.11 -19.26
N ILE B 366 31.17 -16.41 -19.37
CA ILE B 366 31.29 -17.34 -18.26
C ILE B 366 32.45 -16.96 -17.32
N ARG B 367 33.48 -16.30 -17.86
CA ARG B 367 34.67 -16.02 -17.07
CA ARG B 367 34.71 -15.94 -17.14
C ARG B 367 34.47 -14.77 -16.20
N LYS B 368 33.34 -14.08 -16.39
CA LYS B 368 33.03 -12.87 -15.65
C LYS B 368 32.34 -13.19 -14.32
N TYR B 369 31.92 -14.45 -14.11
CA TYR B 369 31.41 -14.87 -12.81
C TYR B 369 32.41 -14.44 -11.74
N PRO B 370 31.94 -13.98 -10.56
CA PRO B 370 32.88 -13.48 -9.55
C PRO B 370 33.78 -14.60 -9.05
N THR B 371 35.07 -14.26 -8.84
CA THR B 371 36.03 -15.19 -8.27
C THR B 371 35.67 -15.38 -6.79
N LYS B 372 36.18 -16.46 -6.15
CA LYS B 372 35.95 -16.64 -4.73
C LYS B 372 36.28 -15.35 -3.95
N LYS B 373 37.31 -14.62 -4.36
CA LYS B 373 37.75 -13.44 -3.65
C LYS B 373 36.71 -12.31 -3.75
N GLN B 374 36.15 -12.13 -4.94
CA GLN B 374 35.09 -11.18 -5.21
C GLN B 374 33.82 -11.53 -4.44
N GLN B 375 33.51 -12.83 -4.36
CA GLN B 375 32.36 -13.35 -3.66
C GLN B 375 32.49 -13.11 -2.16
N LEU B 376 33.69 -13.31 -1.62
CA LEU B 376 33.96 -13.06 -0.20
C LEU B 376 33.90 -11.57 0.15
N HIS B 377 34.38 -10.73 -0.77
CA HIS B 377 34.28 -9.28 -0.64
C HIS B 377 32.82 -8.87 -0.51
N PHE B 378 31.97 -9.44 -1.38
CA PHE B 378 30.55 -9.23 -1.35
C PHE B 378 29.95 -9.70 -0.02
N ILE B 379 30.22 -10.93 0.41
CA ILE B 379 29.49 -11.40 1.56
C ILE B 379 30.06 -10.80 2.84
N SER B 380 31.34 -10.33 2.82
CA SER B 380 31.95 -9.65 3.96
C SER B 380 31.29 -8.30 4.21
N SER B 381 30.65 -7.72 3.18
CA SER B 381 29.85 -6.52 3.32
C SER B 381 28.40 -6.87 3.71
N TYR B 382 27.85 -7.95 3.15
CA TYR B 382 26.52 -8.41 3.43
C TYR B 382 26.31 -8.83 4.88
N LEU B 383 27.26 -9.63 5.39
CA LEU B 383 27.02 -10.29 6.66
C LEU B 383 26.89 -9.27 7.80
N PRO B 384 27.79 -8.29 7.95
CA PRO B 384 27.58 -7.30 9.01
C PRO B 384 26.32 -6.45 8.81
N ALA B 385 25.80 -6.31 7.59
CA ALA B 385 24.59 -5.53 7.37
C ALA B 385 23.32 -6.33 7.72
N PHE B 386 23.43 -7.67 7.80
CA PHE B 386 22.28 -8.54 8.02
C PHE B 386 22.24 -9.12 9.43
N GLN B 387 23.43 -9.29 10.03
CA GLN B 387 23.56 -9.99 11.30
C GLN B 387 24.24 -9.02 12.27
N ASN B 388 23.53 -8.75 13.36
CA ASN B 388 23.85 -7.68 14.29
C ASN B 388 25.37 -7.60 14.57
N ASP B 389 25.91 -8.54 15.36
CA ASP B 389 27.23 -8.30 15.90
C ASP B 389 28.30 -9.11 15.16
N PHE B 390 28.04 -9.43 13.87
CA PHE B 390 28.89 -10.27 13.07
C PHE B 390 30.37 -9.95 13.31
N GLU B 391 30.74 -8.67 13.36
CA GLU B 391 32.17 -8.34 13.35
C GLU B 391 32.87 -8.72 14.66
N ASN B 392 32.12 -8.90 15.76
CA ASN B 392 32.72 -9.26 17.05
C ASN B 392 32.87 -10.77 17.22
N LEU B 393 32.42 -11.61 16.26
CA LEU B 393 32.60 -13.05 16.37
C LEU B 393 34.10 -13.35 16.20
N SER B 394 34.54 -14.49 16.74
CA SER B 394 35.86 -15.04 16.43
C SER B 394 36.10 -15.09 14.92
N THR B 395 37.37 -14.90 14.53
CA THR B 395 37.87 -15.07 13.17
C THR B 395 37.49 -16.44 12.61
N GLU B 396 37.51 -17.49 13.44
CA GLU B 396 37.14 -18.83 13.00
C GLU B 396 35.65 -18.92 12.67
N GLU B 397 34.80 -18.37 13.55
CA GLU B 397 33.37 -18.48 13.34
C GLU B 397 32.98 -17.67 12.11
N LYS B 398 33.67 -16.56 11.85
CA LYS B 398 33.34 -15.72 10.72
C LYS B 398 33.65 -16.45 9.41
N SER B 399 34.83 -17.05 9.39
CA SER B 399 35.33 -17.86 8.29
C SER B 399 34.39 -19.03 7.97
N ILE B 400 33.96 -19.72 9.02
CA ILE B 400 33.03 -20.83 8.87
C ILE B 400 31.72 -20.35 8.27
N ILE B 401 31.18 -19.20 8.72
CA ILE B 401 29.91 -18.70 8.25
C ILE B 401 30.03 -18.31 6.76
N LYS B 402 31.18 -17.74 6.39
CA LYS B 402 31.40 -17.30 5.03
C LYS B 402 31.59 -18.45 4.04
N GLU B 403 32.36 -19.47 4.43
CA GLU B 403 32.59 -20.64 3.58
C GLU B 403 31.27 -21.35 3.30
N GLU B 404 30.46 -21.52 4.34
CA GLU B 404 29.16 -22.17 4.16
C GLU B 404 28.26 -21.32 3.24
N MET B 405 28.33 -20.00 3.39
CA MET B 405 27.44 -19.14 2.63
C MET B 405 27.87 -19.16 1.16
N LEU B 406 29.17 -19.32 0.88
CA LEU B 406 29.58 -19.42 -0.52
C LEU B 406 29.01 -20.69 -1.17
N LEU B 407 28.92 -21.80 -0.40
CA LEU B 407 28.35 -23.03 -0.92
C LEU B 407 26.85 -22.85 -1.15
N GLU B 408 26.20 -22.25 -0.16
CA GLU B 408 24.77 -21.93 -0.24
C GLU B 408 24.48 -21.16 -1.53
N VAL B 409 25.20 -20.05 -1.77
CA VAL B 409 24.79 -19.16 -2.83
C VAL B 409 25.15 -19.77 -4.20
N ASN B 410 26.27 -20.49 -4.27
CA ASN B 410 26.70 -21.08 -5.53
C ASN B 410 25.82 -22.27 -5.93
N ARG B 411 25.26 -23.01 -4.97
CA ARG B 411 24.20 -23.97 -5.28
C ARG B 411 22.91 -23.30 -5.74
N PHE B 412 22.49 -22.23 -5.04
CA PHE B 412 21.27 -21.54 -5.42
C PHE B 412 21.44 -20.86 -6.77
N ALA B 413 22.65 -20.53 -7.17
CA ALA B 413 22.86 -19.98 -8.51
C ALA B 413 22.38 -20.96 -9.61
N LEU B 414 22.43 -22.28 -9.36
CA LEU B 414 21.92 -23.25 -10.33
C LEU B 414 20.44 -22.96 -10.67
N ALA B 415 19.64 -22.67 -9.65
CA ALA B 415 18.24 -22.30 -9.76
C ALA B 415 18.06 -21.00 -10.55
N SER B 416 19.03 -20.08 -10.51
CA SER B 416 18.96 -18.87 -11.31
C SER B 416 19.00 -19.24 -12.79
N HIS B 417 20.03 -20.02 -13.17
CA HIS B 417 20.16 -20.52 -14.53
C HIS B 417 18.90 -21.30 -14.96
N PHE B 418 18.45 -22.23 -14.11
CA PHE B 418 17.34 -23.08 -14.45
C PHE B 418 16.09 -22.23 -14.69
N LEU B 419 15.72 -21.43 -13.69
CA LEU B 419 14.49 -20.65 -13.73
C LEU B 419 14.48 -19.69 -14.91
N TRP B 420 15.56 -18.96 -15.13
CA TRP B 420 15.54 -17.96 -16.19
C TRP B 420 15.74 -18.60 -17.57
N GLY B 421 16.37 -19.79 -17.63
CA GLY B 421 16.42 -20.57 -18.86
C GLY B 421 15.01 -20.96 -19.33
N LEU B 422 14.24 -21.56 -18.42
CA LEU B 422 12.86 -21.90 -18.70
C LEU B 422 12.09 -20.65 -19.10
N TRP B 423 12.23 -19.59 -18.29
CA TRP B 423 11.51 -18.34 -18.52
C TRP B 423 11.71 -17.86 -19.97
N SER B 424 12.93 -17.99 -20.49
CA SER B 424 13.31 -17.48 -21.79
C SER B 424 12.69 -18.29 -22.95
N ILE B 425 12.50 -19.60 -22.74
CA ILE B 425 11.90 -20.47 -23.73
C ILE B 425 10.42 -20.07 -23.86
N VAL B 426 9.73 -20.03 -22.73
CA VAL B 426 8.37 -19.54 -22.65
C VAL B 426 8.27 -18.19 -23.33
N GLN B 427 9.19 -17.24 -23.05
CA GLN B 427 9.09 -15.92 -23.67
C GLN B 427 9.27 -16.03 -25.18
N ALA B 428 9.92 -17.10 -25.65
CA ALA B 428 10.17 -17.31 -27.07
C ALA B 428 8.84 -17.55 -27.82
N LYS B 429 7.91 -18.34 -27.26
CA LYS B 429 6.58 -18.49 -27.84
C LYS B 429 5.76 -17.20 -27.66
N ILE B 430 5.42 -16.85 -26.41
CA ILE B 430 4.49 -15.76 -26.12
C ILE B 430 5.18 -14.40 -26.20
N SER B 431 6.24 -14.26 -27.01
CA SER B 431 7.04 -13.03 -27.02
C SER B 431 6.17 -11.88 -27.51
N SER B 432 6.40 -10.69 -26.94
CA SER B 432 6.00 -9.44 -27.56
C SER B 432 7.23 -8.71 -28.06
N ILE B 433 8.42 -9.06 -27.51
CA ILE B 433 9.60 -8.22 -27.52
C ILE B 433 10.69 -8.84 -28.40
N GLU B 434 11.54 -8.00 -29.00
CA GLU B 434 12.59 -8.44 -29.91
C GLU B 434 13.87 -8.78 -29.13
N PHE B 435 14.23 -10.07 -29.10
CA PHE B 435 15.34 -10.57 -28.30
C PHE B 435 15.64 -12.01 -28.73
N GLY B 436 16.87 -12.47 -28.50
CA GLY B 436 17.26 -13.84 -28.83
C GLY B 436 16.99 -14.80 -27.66
N TYR B 437 15.71 -14.99 -27.35
CA TYR B 437 15.28 -15.73 -26.18
C TYR B 437 15.81 -17.16 -26.14
N MET B 438 15.92 -17.81 -27.31
CA MET B 438 16.28 -19.23 -27.35
C MET B 438 17.79 -19.37 -27.17
N ASP B 439 18.53 -18.42 -27.77
CA ASP B 439 19.97 -18.25 -27.56
C ASP B 439 20.26 -17.97 -26.08
N TYR B 440 19.46 -17.09 -25.44
CA TYR B 440 19.63 -16.70 -24.05
C TYR B 440 19.48 -17.96 -23.20
N ALA B 441 18.44 -18.75 -23.53
CA ALA B 441 18.09 -19.95 -22.80
C ALA B 441 19.21 -20.99 -22.86
N GLN B 442 19.86 -21.07 -24.03
CA GLN B 442 20.99 -21.96 -24.23
C GLN B 442 22.20 -21.48 -23.40
N ALA B 443 22.49 -20.16 -23.41
CA ALA B 443 23.54 -19.60 -22.56
C ALA B 443 23.32 -19.92 -21.08
N ARG B 444 22.06 -19.93 -20.62
CA ARG B 444 21.79 -20.17 -19.22
C ARG B 444 22.01 -21.64 -18.86
N PHE B 445 21.58 -22.56 -19.73
CA PHE B 445 21.78 -24.00 -19.50
C PHE B 445 23.25 -24.39 -19.64
N ASP B 446 23.99 -23.77 -20.56
CA ASP B 446 25.44 -23.97 -20.61
C ASP B 446 26.09 -23.59 -19.27
N ALA B 447 25.64 -22.47 -18.66
CA ALA B 447 26.21 -21.99 -17.41
C ALA B 447 25.80 -22.93 -16.29
N TYR B 448 24.56 -23.39 -16.37
CA TYR B 448 24.05 -24.33 -15.39
C TYR B 448 24.96 -25.57 -15.32
N PHE B 449 25.33 -26.10 -16.51
CA PHE B 449 26.13 -27.32 -16.56
C PHE B 449 27.57 -27.03 -16.14
N HIS B 450 28.13 -25.89 -16.57
CA HIS B 450 29.45 -25.43 -16.11
C HIS B 450 29.51 -25.33 -14.57
N GLN B 451 28.44 -24.81 -13.94
CA GLN B 451 28.43 -24.55 -12.51
C GLN B 451 28.27 -25.86 -11.75
N LYS B 452 27.45 -26.78 -12.28
CA LYS B 452 27.44 -28.16 -11.77
C LYS B 452 28.83 -28.78 -11.70
N ARG B 453 29.60 -28.71 -12.79
CA ARG B 453 30.94 -29.28 -12.83
C ARG B 453 31.75 -28.65 -11.71
N LYS B 454 31.81 -27.29 -11.72
CA LYS B 454 32.61 -26.51 -10.79
C LYS B 454 32.35 -27.03 -9.38
N LEU B 455 31.09 -27.34 -9.07
CA LEU B 455 30.68 -27.74 -7.74
C LEU B 455 30.96 -29.21 -7.46
N GLY B 456 31.28 -30.00 -8.51
CA GLY B 456 31.29 -31.46 -8.41
C GLY B 456 29.97 -32.07 -7.92
N VAL B 457 28.83 -31.58 -8.43
CA VAL B 457 27.52 -32.17 -8.22
C VAL B 457 26.91 -32.48 -9.59
#